data_7ZDB
#
_entry.id   7ZDB
#
loop_
_entity.id
_entity.type
_entity.pdbx_description
1 polymer 'ATP-binding/permease protein CydC'
2 polymer 'ATP-binding/permease protein CydD'
3 non-polymer 'HEME B/C'
4 non-polymer 'MAGNESIUM ION'
5 non-polymer "ADENOSINE-5'-DIPHOSPHATE"
6 non-polymer 'PHOSPHITE ION'
7 non-polymer "ADENOSINE-5'-TRIPHOSPHATE"
#
loop_
_entity_poly.entity_id
_entity_poly.type
_entity_poly.pdbx_seq_one_letter_code
_entity_poly.pdbx_strand_id
1 'polypeptide(L)'
;MRALLPYLALYKRHKWMLSLGIVLAIVTLLASIGLLTLSGWFLSASAVAGVAGLYSFNYMLPAAGVRGAAITRTAGRYFE
RLVSHDATFRVLQHLRIYTFSKLLPLSPAGLARYRQGELLNRVVADVDTLDHLYLRVISPLVGAFVVIMVVTIGLSFLDF
TLAFTLGGIMLLTLFLMPPLFYRAGKSTGQNLTHLRGQYRQQLTAWLQGQAELTIFGASDRYRTQLENTEIQWLEAQRRQ
SELTALSQAIMLLIGALAVILMLWMASGGVGGNAQPGALIALFVFCALAAFEALAPVTGAFQHLGQVIASAVRISDLTDQ
KPEVTFPDTQTRVADRVSLTLRDVQFTYPEQSQQALKGISLQVNAGEHIAILGRTGCGKSTLLQQLTRAWDPQQGEILLN
DSPIASLNEAALRQTISVVPQRVHLFSATLRDNLLLASPGSSDEALSEILRRVGLEKLLEDAGLNSWLGEGGRQLSGGEL
RRLAIARALLHDAPLVLLDEPTEGLDATTESQILELLAEMMREKTVLMVTHRLRGLSRFQQIIVMDNGQIIEQGTHAELL
ARQGRYYQFKQGL
;
C
2 'polypeptide(L)'
;MNKSRQKELTRWLKQQSVISQRWLNISRLLGFVSGILIIAQAWFMARILQHMIMENIPREALLLPFTLLVLTFVLRAWVV
WLRERVGYHAGQHIRFAIRRQVLDRLQQAGPAWIQGKPAGSWATLVLEQIDDMHDYYARYLPQMALAVSVPLLIVVAIFP
SNWAAALILLGTAPLIPLFMALVGMGAADANRRNFLALARLSGHFLDRLRGMETLRIFGRGEAEIESIRSASEDFRQRTM
EVLRLAFLSSGILEFFTSLSIALVAVYFGFSYLGELDFGHYDTGVTLAAGFLALILAPEFFQPLRDLGTFYHAKAQAVGA
ADSLKTFMETPLAHPQRGEAELASTDPVTIEAEELFITSPEGKTLAGPLNFTLPAGQRAVLVGRSGSGKSSLLNALSGFL
SYQGSLRINGIELRDLSPESWRKHLSWVGQNPQLPAATLRDNVLLARPDASEQELQAALDNAWVSEFLPLLPQGVDTPVG
DQAARLSVGQAQRVAVARALLNPCSLLLLDEPAASLDAHSEQRVMEALNAASLRQTTLMVTHQLEDLADWDVIWVMQDGR
IIEQGRYAELSVAGGPFATLLAHRQEEI
;
D
#
# COMPACT_ATOMS: atom_id res chain seq x y z
N MET A 1 -6.22 -17.07 -17.52
CA MET A 1 -6.24 -15.81 -18.25
C MET A 1 -7.66 -15.40 -18.60
N ARG A 2 -8.64 -16.11 -18.05
CA ARG A 2 -10.04 -15.79 -18.25
C ARG A 2 -10.55 -14.74 -17.27
N ALA A 3 -9.73 -14.38 -16.27
CA ALA A 3 -10.13 -13.32 -15.34
C ALA A 3 -10.01 -11.94 -15.95
N LEU A 4 -9.23 -11.80 -17.02
CA LEU A 4 -9.02 -10.51 -17.66
C LEU A 4 -10.12 -10.13 -18.64
N LEU A 5 -11.04 -11.05 -18.94
CA LEU A 5 -12.10 -10.76 -19.90
C LEU A 5 -13.01 -9.61 -19.46
N PRO A 6 -13.51 -9.55 -18.22
CA PRO A 6 -14.33 -8.39 -17.84
C PRO A 6 -13.59 -7.07 -17.91
N TYR A 7 -12.29 -7.07 -17.64
CA TYR A 7 -11.49 -5.85 -17.64
C TYR A 7 -10.83 -5.57 -18.98
N LEU A 8 -11.07 -6.41 -19.99
CA LEU A 8 -10.61 -6.13 -21.34
C LEU A 8 -11.70 -5.50 -22.21
N ALA A 9 -12.96 -5.56 -21.80
CA ALA A 9 -14.02 -4.87 -22.50
C ALA A 9 -14.02 -3.37 -22.25
N LEU A 10 -13.34 -2.92 -21.18
CA LEU A 10 -13.15 -1.51 -20.94
C LEU A 10 -12.00 -0.92 -21.74
N TYR A 11 -11.16 -1.78 -22.33
CA TYR A 11 -10.11 -1.34 -23.25
C TYR A 11 -10.62 -1.26 -24.68
N LYS A 12 -11.53 -2.16 -25.06
CA LYS A 12 -12.13 -2.11 -26.38
C LYS A 12 -12.93 -0.84 -26.60
N ARG A 13 -13.36 -0.18 -25.52
CA ARG A 13 -14.03 1.11 -25.65
C ARG A 13 -13.11 2.16 -26.25
N HIS A 14 -11.84 2.15 -25.87
CA HIS A 14 -10.84 3.08 -26.36
C HIS A 14 -9.84 2.41 -27.27
N LYS A 15 -10.32 1.50 -28.13
CA LYS A 15 -9.43 0.74 -29.00
C LYS A 15 -8.75 1.63 -30.04
N TRP A 16 -9.35 2.78 -30.38
CA TRP A 16 -8.78 3.63 -31.41
C TRP A 16 -7.78 4.64 -30.87
N MET A 17 -7.66 4.75 -29.55
CA MET A 17 -6.57 5.50 -28.92
C MET A 17 -5.50 4.59 -28.36
N LEU A 18 -5.89 3.41 -27.87
CA LEU A 18 -4.93 2.41 -27.41
C LEU A 18 -4.03 1.95 -28.56
N SER A 19 -4.60 1.78 -29.75
CA SER A 19 -3.84 1.28 -30.88
C SER A 19 -2.90 2.31 -31.48
N LEU A 20 -3.12 3.60 -31.23
CA LEU A 20 -2.18 4.61 -31.69
C LEU A 20 -0.88 4.55 -30.91
N GLY A 21 -0.95 4.29 -29.60
CA GLY A 21 0.25 4.09 -28.82
C GLY A 21 1.03 2.87 -29.24
N ILE A 22 0.33 1.81 -29.63
CA ILE A 22 1.00 0.61 -30.12
C ILE A 22 1.65 0.87 -31.47
N VAL A 23 0.92 1.54 -32.38
CA VAL A 23 1.48 1.87 -33.69
C VAL A 23 2.66 2.82 -33.53
N LEU A 24 2.55 3.79 -32.63
CA LEU A 24 3.69 4.66 -32.35
C LEU A 24 4.82 3.88 -31.68
N ALA A 25 4.49 2.83 -30.92
CA ALA A 25 5.52 1.98 -30.38
C ALA A 25 6.22 1.18 -31.47
N ILE A 26 5.48 0.74 -32.49
CA ILE A 26 6.10 -0.01 -33.58
C ILE A 26 7.06 0.88 -34.34
N VAL A 27 6.67 2.13 -34.61
CA VAL A 27 7.48 3.00 -35.45
C VAL A 27 8.78 3.38 -34.75
N THR A 28 8.71 3.77 -33.48
CA THR A 28 9.92 4.21 -32.78
C THR A 28 10.92 3.08 -32.54
N LEU A 29 10.49 1.82 -32.63
CA LEU A 29 11.40 0.69 -32.59
C LEU A 29 11.91 0.30 -33.98
N LEU A 30 11.07 0.41 -35.01
CA LEU A 30 11.57 0.25 -36.37
C LEU A 30 12.53 1.37 -36.73
N ALA A 31 12.23 2.61 -36.31
CA ALA A 31 13.13 3.72 -36.54
C ALA A 31 14.43 3.59 -35.75
N SER A 32 14.43 2.82 -34.67
CA SER A 32 15.66 2.58 -33.92
C SER A 32 16.42 1.38 -34.44
N ILE A 33 15.71 0.34 -34.90
CA ILE A 33 16.37 -0.77 -35.59
C ILE A 33 16.86 -0.30 -36.96
N GLY A 34 16.01 0.43 -37.68
CA GLY A 34 16.40 0.90 -39.00
C GLY A 34 17.54 1.89 -38.97
N LEU A 35 17.61 2.73 -37.92
CA LEU A 35 18.71 3.68 -37.81
C LEU A 35 20.05 2.96 -37.73
N LEU A 36 20.09 1.85 -36.99
CA LEU A 36 21.34 1.16 -36.71
C LEU A 36 21.68 0.08 -37.73
N THR A 37 20.68 -0.54 -38.36
CA THR A 37 20.99 -1.48 -39.43
C THR A 37 21.38 -0.77 -40.71
N LEU A 38 20.79 0.40 -40.98
CA LEU A 38 21.24 1.21 -42.11
C LEU A 38 22.63 1.78 -41.85
N SER A 39 22.87 2.24 -40.62
CA SER A 39 24.20 2.70 -40.25
C SER A 39 25.22 1.60 -40.43
N GLY A 40 24.88 0.38 -39.99
CA GLY A 40 25.79 -0.74 -40.17
C GLY A 40 26.09 -1.03 -41.63
N TRP A 41 25.05 -0.99 -42.48
CA TRP A 41 25.26 -1.23 -43.90
C TRP A 41 26.03 -0.07 -44.54
N PHE A 42 25.60 1.16 -44.26
CA PHE A 42 26.27 2.32 -44.84
C PHE A 42 27.72 2.40 -44.39
N LEU A 43 28.01 1.93 -43.17
CA LEU A 43 29.38 1.97 -42.67
C LEU A 43 30.27 0.99 -43.41
N SER A 44 29.71 -0.12 -43.87
CA SER A 44 30.48 -1.11 -44.62
C SER A 44 30.37 -0.94 -46.13
N ALA A 45 29.29 -0.32 -46.61
CA ALA A 45 29.18 -0.06 -48.05
C ALA A 45 30.25 0.93 -48.50
N SER A 46 30.50 1.98 -47.70
CA SER A 46 31.50 2.97 -48.07
C SER A 46 32.91 2.40 -47.90
N ALA A 47 33.13 1.60 -46.87
CA ALA A 47 34.46 1.03 -46.65
C ALA A 47 34.88 0.13 -47.79
N VAL A 48 33.96 -0.68 -48.30
CA VAL A 48 34.27 -1.53 -49.45
C VAL A 48 34.51 -0.68 -50.69
N ALA A 49 33.68 0.33 -50.92
CA ALA A 49 33.86 1.21 -52.07
C ALA A 49 35.18 1.96 -51.98
N GLY A 50 35.52 2.47 -50.81
CA GLY A 50 36.77 3.19 -50.62
C GLY A 50 36.72 4.58 -51.25
N VAL A 51 37.88 5.23 -51.23
CA VAL A 51 38.00 6.55 -51.81
C VAL A 51 37.85 6.50 -53.32
N ALA A 52 38.22 5.37 -53.95
CA ALA A 52 38.14 5.25 -55.39
C ALA A 52 36.70 5.35 -55.89
N GLY A 53 35.76 4.76 -55.15
CA GLY A 53 34.38 4.75 -55.57
C GLY A 53 33.56 5.89 -55.00
N LEU A 54 34.24 6.94 -54.55
CA LEU A 54 33.54 8.08 -53.96
C LEU A 54 32.57 8.71 -54.94
N TYR A 55 33.01 8.90 -56.20
CA TYR A 55 32.16 9.49 -57.22
C TYR A 55 31.16 8.51 -57.81
N SER A 56 31.29 7.21 -57.51
CA SER A 56 30.39 6.19 -58.03
C SER A 56 29.54 5.56 -56.95
N PHE A 57 29.46 6.17 -55.76
CA PHE A 57 28.66 5.65 -54.65
C PHE A 57 27.68 6.73 -54.22
N ASN A 58 26.40 6.47 -54.40
CA ASN A 58 25.37 7.43 -54.03
C ASN A 58 25.20 7.46 -52.51
N TYR A 59 25.81 8.46 -51.87
CA TYR A 59 25.68 8.65 -50.44
C TYR A 59 24.64 9.70 -50.06
N MET A 60 23.96 10.30 -51.03
CA MET A 60 22.91 11.27 -50.71
C MET A 60 21.75 10.60 -50.00
N LEU A 61 21.35 9.41 -50.45
CA LEU A 61 20.19 8.72 -49.90
C LEU A 61 20.47 8.10 -48.54
N PRO A 62 21.55 7.32 -48.37
CA PRO A 62 21.82 6.79 -47.01
C PRO A 62 21.99 7.86 -45.96
N ALA A 63 22.60 9.00 -46.33
CA ALA A 63 22.70 10.11 -45.39
C ALA A 63 21.34 10.71 -45.06
N ALA A 64 20.37 10.58 -45.97
CA ALA A 64 19.01 11.01 -45.67
C ALA A 64 18.30 9.99 -44.78
N GLY A 65 18.63 8.71 -44.91
CA GLY A 65 18.00 7.70 -44.08
C GLY A 65 18.37 7.83 -42.61
N VAL A 66 19.66 8.06 -42.33
CA VAL A 66 20.08 8.24 -40.95
C VAL A 66 19.51 9.53 -40.38
N ARG A 67 19.29 10.55 -41.22
CA ARG A 67 18.63 11.76 -40.76
C ARG A 67 17.13 11.51 -40.54
N GLY A 68 16.50 10.79 -41.46
CA GLY A 68 15.08 10.50 -41.29
C GLY A 68 14.80 9.59 -40.10
N ALA A 69 15.67 8.60 -39.88
CA ALA A 69 15.46 7.67 -38.77
C ALA A 69 15.79 8.33 -37.43
N ALA A 70 16.72 9.28 -37.41
CA ALA A 70 17.06 9.95 -36.16
C ALA A 70 15.89 10.78 -35.64
N ILE A 71 15.23 11.53 -36.53
CA ILE A 71 14.08 12.33 -36.10
C ILE A 71 12.91 11.44 -35.76
N THR A 72 12.70 10.38 -36.53
CA THR A 72 11.57 9.49 -36.28
C THR A 72 11.69 8.79 -34.93
N ARG A 73 12.89 8.36 -34.57
CA ARG A 73 13.09 7.66 -33.30
C ARG A 73 12.87 8.61 -32.12
N THR A 74 13.40 9.83 -32.20
CA THR A 74 13.27 10.74 -31.07
C THR A 74 11.86 11.33 -30.98
N ALA A 75 11.21 11.59 -32.12
CA ALA A 75 9.83 12.08 -32.08
C ALA A 75 8.86 10.97 -31.72
N GLY A 76 9.05 9.78 -32.29
CA GLY A 76 8.16 8.67 -31.99
C GLY A 76 8.20 8.24 -30.54
N ARG A 77 9.38 8.30 -29.91
CA ARG A 77 9.48 7.98 -28.49
C ARG A 77 8.71 8.98 -27.65
N TYR A 78 8.78 10.26 -28.00
CA TYR A 78 8.04 11.27 -27.26
C TYR A 78 6.53 11.11 -27.43
N PHE A 79 6.09 10.92 -28.66
CA PHE A 79 4.66 10.81 -28.92
C PHE A 79 4.09 9.47 -28.46
N GLU A 80 4.94 8.44 -28.35
CA GLU A 80 4.50 7.20 -27.72
C GLU A 80 4.09 7.44 -26.28
N ARG A 81 4.97 8.06 -25.50
CA ARG A 81 4.75 8.18 -24.06
C ARG A 81 3.56 9.05 -23.75
N LEU A 82 3.25 10.01 -24.63
CA LEU A 82 2.06 10.82 -24.44
C LEU A 82 0.79 10.03 -24.74
N VAL A 83 0.72 9.41 -25.92
CA VAL A 83 -0.48 8.67 -26.30
C VAL A 83 -0.68 7.45 -25.41
N SER A 84 0.40 6.76 -25.04
CA SER A 84 0.27 5.60 -24.17
C SER A 84 -0.27 5.99 -22.81
N HIS A 85 0.24 7.08 -22.24
CA HIS A 85 -0.27 7.54 -20.95
C HIS A 85 -1.63 8.21 -21.08
N ASP A 86 -1.90 8.85 -22.23
CA ASP A 86 -3.20 9.46 -22.44
C ASP A 86 -4.29 8.39 -22.47
N ALA A 87 -4.03 7.27 -23.15
CA ALA A 87 -4.98 6.17 -23.16
C ALA A 87 -5.02 5.43 -21.83
N THR A 88 -3.88 5.35 -21.13
CA THR A 88 -3.87 4.73 -19.81
C THR A 88 -4.74 5.51 -18.83
N PHE A 89 -4.68 6.84 -18.88
CA PHE A 89 -5.49 7.65 -17.98
C PHE A 89 -6.96 7.67 -18.38
N ARG A 90 -7.26 7.49 -19.67
CA ARG A 90 -8.65 7.49 -20.12
C ARG A 90 -9.37 6.19 -19.77
N VAL A 91 -8.65 5.06 -19.79
CA VAL A 91 -9.26 3.81 -19.36
C VAL A 91 -9.30 3.72 -17.84
N LEU A 92 -8.49 4.51 -17.14
CA LEU A 92 -8.51 4.52 -15.68
C LEU A 92 -9.87 4.98 -15.16
N GLN A 93 -10.43 6.03 -15.76
CA GLN A 93 -11.73 6.51 -15.31
C GLN A 93 -12.82 5.49 -15.60
N HIS A 94 -12.61 4.64 -16.61
CA HIS A 94 -13.56 3.56 -16.88
C HIS A 94 -13.37 2.38 -15.95
N LEU A 95 -12.24 2.32 -15.24
CA LEU A 95 -12.03 1.30 -14.22
C LEU A 95 -12.46 1.78 -12.84
N ARG A 96 -12.23 3.06 -12.54
CA ARG A 96 -12.74 3.61 -11.29
C ARG A 96 -14.26 3.59 -11.25
N ILE A 97 -14.89 3.94 -12.37
CA ILE A 97 -16.35 3.92 -12.44
C ILE A 97 -16.87 2.50 -12.38
N TYR A 98 -16.26 1.58 -13.14
CA TYR A 98 -16.72 0.19 -13.15
C TYR A 98 -16.59 -0.44 -11.78
N THR A 99 -15.47 -0.19 -11.09
CA THR A 99 -15.31 -0.71 -9.73
C THR A 99 -16.31 -0.07 -8.78
N PHE A 100 -16.47 1.25 -8.86
CA PHE A 100 -17.41 1.94 -7.96
C PHE A 100 -18.85 1.53 -8.24
N SER A 101 -19.21 1.41 -9.52
CA SER A 101 -20.59 1.06 -9.85
C SER A 101 -20.95 -0.33 -9.36
N LYS A 102 -20.01 -1.28 -9.45
CA LYS A 102 -20.29 -2.63 -8.99
C LYS A 102 -20.24 -2.74 -7.47
N LEU A 103 -19.30 -2.04 -6.83
CA LEU A 103 -19.12 -2.13 -5.39
C LEU A 103 -20.20 -1.39 -4.61
N LEU A 104 -21.01 -0.57 -5.27
CA LEU A 104 -21.94 0.30 -4.57
C LEU A 104 -23.21 -0.42 -4.11
N PRO A 105 -23.86 -1.27 -4.92
CA PRO A 105 -25.04 -1.98 -4.43
C PRO A 105 -24.76 -2.90 -3.25
N LEU A 106 -23.52 -3.36 -3.10
CA LEU A 106 -23.15 -4.29 -2.03
C LEU A 106 -22.12 -3.67 -1.09
N SER A 107 -22.17 -2.35 -0.91
CA SER A 107 -21.18 -1.66 -0.11
C SER A 107 -21.31 -1.94 1.39
N PRO A 108 -22.52 -1.98 1.98
CA PRO A 108 -22.59 -2.27 3.42
C PRO A 108 -22.45 -3.75 3.73
N ALA A 109 -22.97 -4.60 2.84
CA ALA A 109 -23.07 -6.03 3.10
C ALA A 109 -21.85 -6.79 2.58
N GLY A 110 -21.55 -6.65 1.29
CA GLY A 110 -20.47 -7.41 0.68
C GLY A 110 -19.09 -7.02 1.14
N LEU A 111 -18.95 -5.90 1.84
CA LEU A 111 -17.66 -5.44 2.35
C LEU A 111 -17.61 -5.52 3.88
N ALA A 112 -18.53 -6.25 4.50
CA ALA A 112 -18.59 -6.29 5.96
C ALA A 112 -17.48 -7.15 6.53
N ARG A 113 -17.22 -8.31 5.92
CA ARG A 113 -16.27 -9.26 6.50
C ARG A 113 -14.84 -8.72 6.53
N TYR A 114 -14.44 -8.01 5.48
CA TYR A 114 -13.06 -7.53 5.36
C TYR A 114 -12.81 -6.35 6.29
N ARG A 115 -11.54 -6.17 6.65
CA ARG A 115 -11.10 -4.97 7.36
C ARG A 115 -11.18 -3.81 6.40
N GLN A 116 -12.12 -2.89 6.65
CA GLN A 116 -12.39 -1.81 5.69
C GLN A 116 -11.17 -0.93 5.47
N GLY A 117 -10.31 -0.79 6.47
CA GLY A 117 -9.11 0.02 6.30
C GLY A 117 -8.15 -0.58 5.29
N GLU A 118 -7.94 -1.89 5.36
CA GLU A 118 -7.01 -2.55 4.44
C GLU A 118 -7.69 -2.98 3.14
N LEU A 119 -8.98 -3.28 3.17
CA LEU A 119 -9.66 -3.71 1.96
C LEU A 119 -9.73 -2.60 0.93
N LEU A 120 -10.16 -1.42 1.33
CA LEU A 120 -10.33 -0.33 0.37
C LEU A 120 -8.98 0.18 -0.12
N ASN A 121 -7.98 0.23 0.76
CA ASN A 121 -6.63 0.56 0.32
C ASN A 121 -6.11 -0.47 -0.66
N ARG A 122 -6.52 -1.72 -0.51
CA ARG A 122 -6.17 -2.76 -1.48
C ARG A 122 -6.88 -2.57 -2.80
N VAL A 123 -8.18 -2.24 -2.76
CA VAL A 123 -8.95 -2.12 -4.00
C VAL A 123 -8.39 -1.02 -4.90
N VAL A 124 -8.06 0.12 -4.31
CA VAL A 124 -7.44 1.20 -5.10
C VAL A 124 -6.09 0.76 -5.62
N ALA A 125 -5.36 -0.05 -4.84
CA ALA A 125 -4.06 -0.55 -5.28
C ALA A 125 -4.20 -1.44 -6.51
N ASP A 126 -5.22 -2.29 -6.53
CA ASP A 126 -5.40 -3.22 -7.65
C ASP A 126 -6.38 -2.69 -8.70
N VAL A 127 -6.74 -1.42 -8.63
CA VAL A 127 -7.32 -0.76 -9.79
C VAL A 127 -6.22 -0.10 -10.62
N ASP A 128 -5.21 0.47 -9.97
CA ASP A 128 -4.04 0.97 -10.68
C ASP A 128 -3.29 -0.17 -11.36
N THR A 129 -3.18 -1.31 -10.68
CA THR A 129 -2.49 -2.46 -11.26
C THR A 129 -3.18 -2.92 -12.54
N LEU A 130 -4.51 -3.01 -12.51
CA LEU A 130 -5.26 -3.35 -13.71
C LEU A 130 -5.16 -2.26 -14.77
N ASP A 131 -4.88 -1.02 -14.36
CA ASP A 131 -4.74 0.07 -15.32
C ASP A 131 -3.44 -0.02 -16.10
N HIS A 132 -2.43 -0.70 -15.56
CA HIS A 132 -1.14 -0.84 -16.21
C HIS A 132 -1.06 -2.09 -17.06
N LEU A 133 -2.17 -2.76 -17.31
CA LEU A 133 -2.18 -3.94 -18.18
C LEU A 133 -1.72 -3.57 -19.59
N TYR A 134 -2.32 -2.54 -20.17
CA TYR A 134 -1.95 -2.12 -21.52
C TYR A 134 -0.52 -1.60 -21.57
N LEU A 135 -0.11 -0.81 -20.59
CA LEU A 135 1.15 -0.09 -20.69
C LEU A 135 2.36 -0.96 -20.42
N ARG A 136 2.17 -2.13 -19.79
CA ARG A 136 3.28 -3.03 -19.53
C ARG A 136 3.12 -4.45 -20.06
N VAL A 137 1.90 -4.88 -20.39
CA VAL A 137 1.71 -6.28 -20.80
C VAL A 137 1.24 -6.36 -22.25
N ILE A 138 0.50 -5.35 -22.70
CA ILE A 138 -0.03 -5.39 -24.07
C ILE A 138 0.92 -4.66 -25.01
N SER A 139 1.20 -3.39 -24.72
CA SER A 139 2.06 -2.61 -25.59
C SER A 139 3.46 -3.21 -25.74
N PRO A 140 4.15 -3.66 -24.68
CA PRO A 140 5.42 -4.35 -24.90
C PRO A 140 5.29 -5.63 -25.70
N LEU A 141 4.21 -6.38 -25.53
CA LEU A 141 4.07 -7.66 -26.21
C LEU A 141 3.51 -7.52 -27.62
N VAL A 142 2.38 -6.84 -27.75
CA VAL A 142 1.79 -6.65 -29.07
C VAL A 142 2.68 -5.74 -29.92
N GLY A 143 3.30 -4.73 -29.30
CA GLY A 143 4.18 -3.85 -30.03
C GLY A 143 5.47 -4.50 -30.49
N ALA A 144 5.88 -5.58 -29.83
CA ALA A 144 7.09 -6.29 -30.23
C ALA A 144 6.81 -7.50 -31.11
N PHE A 145 5.57 -7.98 -31.16
CA PHE A 145 5.26 -9.11 -32.02
C PHE A 145 5.27 -8.71 -33.49
N VAL A 146 4.76 -7.52 -33.80
CA VAL A 146 4.71 -7.04 -35.18
C VAL A 146 6.01 -6.38 -35.61
N VAL A 147 6.80 -5.85 -34.67
CA VAL A 147 8.12 -5.35 -35.01
C VAL A 147 9.01 -6.46 -35.54
N ILE A 148 8.90 -7.65 -34.93
CA ILE A 148 9.65 -8.81 -35.43
C ILE A 148 9.17 -9.17 -36.83
N MET A 149 7.86 -9.13 -37.06
CA MET A 149 7.33 -9.48 -38.38
C MET A 149 7.81 -8.51 -39.46
N VAL A 150 7.88 -7.22 -39.13
CA VAL A 150 8.31 -6.23 -40.13
C VAL A 150 9.76 -6.47 -40.53
N VAL A 151 10.64 -6.69 -39.55
CA VAL A 151 12.04 -6.92 -39.88
C VAL A 151 12.22 -8.28 -40.55
N THR A 152 11.44 -9.28 -40.14
CA THR A 152 11.53 -10.59 -40.77
C THR A 152 11.09 -10.52 -42.23
N ILE A 153 9.96 -9.87 -42.49
CA ILE A 153 9.54 -9.63 -43.86
C ILE A 153 10.51 -8.69 -44.56
N GLY A 154 10.98 -7.67 -43.84
CA GLY A 154 11.92 -6.73 -44.43
C GLY A 154 13.22 -7.40 -44.82
N LEU A 155 13.77 -8.23 -43.94
CA LEU A 155 14.97 -8.98 -44.27
C LEU A 155 14.72 -10.15 -45.20
N SER A 156 13.45 -10.50 -45.44
CA SER A 156 13.14 -11.59 -46.35
C SER A 156 13.41 -11.27 -47.81
N PHE A 157 13.60 -9.99 -48.14
CA PHE A 157 13.90 -9.61 -49.51
C PHE A 157 15.37 -9.81 -49.87
N LEU A 158 16.20 -10.21 -48.91
CA LEU A 158 17.61 -10.48 -49.15
C LEU A 158 17.96 -11.95 -49.06
N ASP A 159 17.42 -12.65 -48.07
CA ASP A 159 17.65 -14.09 -47.93
C ASP A 159 16.58 -14.68 -47.02
N PHE A 160 15.88 -15.71 -47.51
CA PHE A 160 14.80 -16.34 -46.71
C PHE A 160 15.39 -17.09 -45.51
N THR A 161 16.53 -17.75 -45.69
CA THR A 161 17.11 -18.52 -44.59
C THR A 161 17.56 -17.62 -43.45
N LEU A 162 18.26 -16.52 -43.78
CA LEU A 162 18.77 -15.64 -42.74
C LEU A 162 17.65 -14.86 -42.07
N ALA A 163 16.67 -14.41 -42.85
CA ALA A 163 15.57 -13.63 -42.28
C ALA A 163 14.75 -14.47 -41.31
N PHE A 164 14.46 -15.72 -41.67
CA PHE A 164 13.58 -16.54 -40.85
C PHE A 164 14.29 -17.07 -39.60
N THR A 165 15.58 -17.39 -39.69
CA THR A 165 16.26 -17.91 -38.51
C THR A 165 16.44 -16.81 -37.46
N LEU A 166 16.60 -15.56 -37.90
CA LEU A 166 16.59 -14.45 -36.95
C LEU A 166 15.19 -14.19 -36.43
N GLY A 167 14.20 -14.17 -37.33
CA GLY A 167 12.82 -14.02 -36.90
C GLY A 167 12.33 -15.21 -36.09
N GLY A 168 12.76 -16.41 -36.47
CA GLY A 168 12.38 -17.59 -35.71
C GLY A 168 12.93 -17.57 -34.30
N ILE A 169 14.17 -17.08 -34.14
CA ILE A 169 14.74 -16.94 -32.81
C ILE A 169 13.98 -15.88 -32.01
N MET A 170 13.67 -14.75 -32.64
CA MET A 170 12.97 -13.68 -31.96
C MET A 170 11.54 -14.07 -31.63
N LEU A 171 10.81 -14.61 -32.62
CA LEU A 171 9.41 -14.95 -32.40
C LEU A 171 9.25 -16.09 -31.42
N LEU A 172 10.19 -17.05 -31.42
CA LEU A 172 10.09 -18.16 -30.48
C LEU A 172 10.21 -17.68 -29.04
N THR A 173 11.18 -16.81 -28.76
CA THR A 173 11.37 -16.34 -27.40
C THR A 173 10.24 -15.42 -26.95
N LEU A 174 9.62 -14.70 -27.89
CA LEU A 174 8.48 -13.87 -27.54
C LEU A 174 7.28 -14.72 -27.13
N PHE A 175 7.06 -15.83 -27.84
CA PHE A 175 5.91 -16.69 -27.58
C PHE A 175 6.17 -17.77 -26.57
N LEU A 176 7.44 -18.02 -26.20
CA LEU A 176 7.77 -19.13 -25.32
C LEU A 176 8.37 -18.70 -23.99
N MET A 177 9.09 -17.59 -23.93
CA MET A 177 9.72 -17.23 -22.67
C MET A 177 8.74 -16.60 -21.67
N PRO A 178 7.85 -15.69 -22.07
CA PRO A 178 6.87 -15.16 -21.12
C PRO A 178 6.03 -16.24 -20.46
N PRO A 179 5.59 -17.29 -21.21
CA PRO A 179 4.80 -18.34 -20.54
C PRO A 179 5.61 -19.23 -19.62
N LEU A 180 6.83 -19.62 -20.02
CA LEU A 180 7.62 -20.51 -19.17
C LEU A 180 8.11 -19.84 -17.90
N PHE A 181 8.06 -18.51 -17.83
CA PHE A 181 8.39 -17.80 -16.60
C PHE A 181 7.17 -17.44 -15.77
N TYR A 182 6.04 -17.15 -16.43
CA TYR A 182 4.80 -17.00 -15.68
C TYR A 182 4.37 -18.32 -15.06
N ARG A 183 4.72 -19.44 -15.70
CA ARG A 183 4.42 -20.76 -15.16
C ARG A 183 5.40 -21.19 -14.08
N ALA A 184 6.53 -20.50 -13.94
CA ALA A 184 7.52 -20.81 -12.92
C ALA A 184 7.39 -19.94 -11.68
N GLY A 185 7.08 -18.66 -11.86
CA GLY A 185 6.85 -17.77 -10.74
C GLY A 185 5.44 -17.73 -10.24
N LYS A 186 4.55 -18.56 -10.79
CA LYS A 186 3.17 -18.58 -10.33
C LYS A 186 3.05 -19.13 -8.92
N SER A 187 3.79 -20.21 -8.62
CA SER A 187 3.75 -20.79 -7.29
C SER A 187 4.33 -19.83 -6.26
N THR A 188 5.45 -19.19 -6.58
CA THR A 188 6.07 -18.25 -5.65
C THR A 188 5.21 -17.01 -5.45
N GLY A 189 4.66 -16.48 -6.54
CA GLY A 189 3.80 -15.30 -6.43
C GLY A 189 2.57 -15.55 -5.59
N GLN A 190 2.03 -16.76 -5.63
CA GLN A 190 0.92 -17.12 -4.75
C GLN A 190 1.40 -17.25 -3.31
N ASN A 191 2.57 -17.85 -3.11
CA ASN A 191 3.11 -18.01 -1.77
C ASN A 191 3.65 -16.71 -1.20
N LEU A 192 4.06 -15.77 -2.06
CA LEU A 192 4.60 -14.50 -1.58
C LEU A 192 3.50 -13.61 -1.02
N THR A 193 2.31 -13.61 -1.62
CA THR A 193 1.20 -12.84 -1.10
C THR A 193 0.61 -13.45 0.16
N HIS A 194 0.66 -14.78 0.29
CA HIS A 194 0.18 -15.42 1.50
C HIS A 194 1.01 -15.01 2.72
N LEU A 195 2.34 -14.94 2.55
CA LEU A 195 3.20 -14.57 3.67
C LEU A 195 3.15 -13.09 3.97
N ARG A 196 2.90 -12.24 2.96
CA ARG A 196 2.75 -10.82 3.21
C ARG A 196 1.53 -10.55 4.09
N GLY A 197 0.42 -11.24 3.82
CA GLY A 197 -0.74 -11.12 4.68
C GLY A 197 -0.59 -11.85 5.99
N GLN A 198 0.26 -12.88 6.03
CA GLN A 198 0.53 -13.57 7.29
C GLN A 198 1.45 -12.78 8.19
N TYR A 199 2.45 -12.09 7.62
CA TYR A 199 3.30 -11.22 8.42
C TYR A 199 2.54 -10.01 8.93
N ARG A 200 1.69 -9.42 8.08
CA ARG A 200 0.89 -8.27 8.49
C ARG A 200 -0.13 -8.63 9.55
N GLN A 201 -0.70 -9.84 9.48
CA GLN A 201 -1.67 -10.25 10.49
C GLN A 201 -1.00 -10.58 11.82
N GLN A 202 0.20 -11.16 11.78
CA GLN A 202 0.93 -11.43 13.01
C GLN A 202 1.51 -10.17 13.62
N LEU A 203 1.96 -9.22 12.80
CA LEU A 203 2.52 -7.98 13.32
C LEU A 203 1.43 -7.12 13.95
N THR A 204 0.28 -7.00 13.30
CA THR A 204 -0.81 -6.23 13.86
C THR A 204 -1.30 -6.82 15.17
N ALA A 205 -1.39 -8.15 15.25
CA ALA A 205 -1.76 -8.81 16.49
C ALA A 205 -0.66 -8.78 17.53
N TRP A 206 0.57 -8.45 17.14
CA TRP A 206 1.66 -8.29 18.09
C TRP A 206 1.72 -6.88 18.67
N LEU A 207 1.45 -5.88 17.85
CA LEU A 207 1.45 -4.50 18.34
C LEU A 207 0.20 -4.20 19.17
N GLN A 208 -0.96 -4.69 18.71
CA GLN A 208 -2.22 -4.45 19.45
C GLN A 208 -2.18 -5.18 20.79
N GLY A 209 -1.64 -6.39 20.83
CA GLY A 209 -1.57 -7.17 22.04
C GLY A 209 -0.28 -6.94 22.80
N GLN A 210 0.43 -5.87 22.47
CA GLN A 210 1.70 -5.59 23.11
C GLN A 210 1.54 -5.34 24.62
N ALA A 211 0.39 -4.79 25.03
CA ALA A 211 0.17 -4.54 26.45
C ALA A 211 0.11 -5.83 27.25
N GLU A 212 -0.53 -6.86 26.71
CA GLU A 212 -0.70 -8.12 27.44
C GLU A 212 0.25 -9.22 26.96
N LEU A 213 1.02 -8.99 25.90
CA LEU A 213 2.05 -9.96 25.55
C LEU A 213 3.30 -9.79 26.40
N THR A 214 3.46 -8.65 27.07
CA THR A 214 4.59 -8.42 27.95
C THR A 214 4.30 -8.83 29.40
N ILE A 215 3.08 -8.58 29.88
CA ILE A 215 2.72 -8.95 31.25
C ILE A 215 2.82 -10.46 31.42
N PHE A 216 2.39 -11.22 30.42
CA PHE A 216 2.41 -12.67 30.48
C PHE A 216 3.68 -13.27 29.89
N GLY A 217 4.64 -12.44 29.51
CA GLY A 217 5.94 -12.92 29.11
C GLY A 217 6.04 -13.51 27.72
N ALA A 218 4.98 -13.39 26.92
CA ALA A 218 4.96 -13.99 25.58
C ALA A 218 5.36 -13.01 24.48
N SER A 219 5.84 -11.82 24.84
CA SER A 219 6.20 -10.83 23.84
C SER A 219 7.42 -11.24 23.03
N ASP A 220 8.31 -12.04 23.60
CA ASP A 220 9.49 -12.50 22.87
C ASP A 220 9.22 -13.77 22.07
N ARG A 221 8.33 -14.64 22.57
CA ARG A 221 7.97 -15.84 21.82
C ARG A 221 7.23 -15.49 20.54
N TYR A 222 6.24 -14.60 20.63
CA TYR A 222 5.50 -14.19 19.45
C TYR A 222 6.29 -13.27 18.54
N ARG A 223 7.44 -12.77 18.99
CA ARG A 223 8.33 -12.04 18.10
C ARG A 223 9.17 -12.99 17.26
N THR A 224 9.61 -14.10 17.87
CA THR A 224 10.32 -15.12 17.10
C THR A 224 9.41 -15.71 16.03
N GLN A 225 8.15 -15.99 16.39
CA GLN A 225 7.17 -16.39 15.39
C GLN A 225 7.01 -15.33 14.31
N LEU A 226 6.95 -14.06 14.72
CA LEU A 226 6.80 -12.97 13.76
C LEU A 226 8.00 -12.89 12.82
N GLU A 227 9.21 -13.01 13.36
CA GLU A 227 10.41 -12.90 12.53
C GLU A 227 10.64 -14.14 11.68
N ASN A 228 10.19 -15.31 12.14
CA ASN A 228 10.30 -16.51 11.32
C ASN A 228 9.49 -16.38 10.04
N THR A 229 8.30 -15.78 10.12
CA THR A 229 7.52 -15.51 8.93
C THR A 229 8.25 -14.54 8.01
N GLU A 230 8.90 -13.53 8.59
CA GLU A 230 9.69 -12.60 7.78
C GLU A 230 10.83 -13.31 7.07
N ILE A 231 11.48 -14.28 7.73
CA ILE A 231 12.54 -15.05 7.09
C ILE A 231 11.98 -15.85 5.91
N GLN A 232 10.83 -16.49 6.11
CA GLN A 232 10.17 -17.18 5.00
C GLN A 232 9.73 -16.19 3.93
N TRP A 233 9.21 -15.05 4.35
CA TRP A 233 8.72 -14.06 3.39
C TRP A 233 9.86 -13.50 2.55
N LEU A 234 10.98 -13.16 3.18
CA LEU A 234 12.12 -12.61 2.45
C LEU A 234 12.81 -13.65 1.59
N GLU A 235 12.49 -14.94 1.75
CA GLU A 235 13.00 -15.97 0.85
C GLU A 235 12.08 -16.21 -0.33
N ALA A 236 10.77 -15.99 -0.18
CA ALA A 236 9.89 -15.98 -1.34
C ALA A 236 10.17 -14.80 -2.24
N GLN A 237 10.51 -13.64 -1.67
CA GLN A 237 10.93 -12.51 -2.47
C GLN A 237 12.22 -12.80 -3.23
N ARG A 238 13.15 -13.51 -2.59
CA ARG A 238 14.40 -13.87 -3.24
C ARG A 238 14.16 -14.78 -4.44
N ARG A 239 13.23 -15.72 -4.32
CA ARG A 239 12.96 -16.64 -5.42
C ARG A 239 12.41 -15.91 -6.64
N GLN A 240 11.51 -14.94 -6.43
CA GLN A 240 11.02 -14.15 -7.54
C GLN A 240 12.05 -13.16 -8.06
N SER A 241 13.11 -12.91 -7.31
CA SER A 241 14.25 -12.14 -7.80
C SER A 241 15.33 -13.03 -8.39
N GLU A 242 15.24 -14.35 -8.22
CA GLU A 242 16.09 -15.29 -8.91
C GLU A 242 15.57 -15.63 -10.30
N LEU A 243 14.32 -15.26 -10.60
CA LEU A 243 13.76 -15.37 -11.94
C LEU A 243 13.91 -14.09 -12.73
N THR A 244 13.84 -12.93 -12.07
CA THR A 244 14.13 -11.67 -12.75
C THR A 244 15.58 -11.62 -13.20
N ALA A 245 16.49 -12.15 -12.41
CA ALA A 245 17.89 -12.24 -12.82
C ALA A 245 18.10 -13.31 -13.89
N LEU A 246 17.33 -14.40 -13.83
CA LEU A 246 17.44 -15.44 -14.84
C LEU A 246 16.81 -15.01 -16.17
N SER A 247 15.69 -14.30 -16.13
CA SER A 247 15.06 -13.86 -17.37
C SER A 247 15.92 -12.83 -18.09
N GLN A 248 16.64 -12.00 -17.32
CA GLN A 248 17.51 -10.94 -17.90
C GLN A 248 18.82 -11.56 -18.40
N ALA A 249 19.24 -12.69 -17.82
CA ALA A 249 20.47 -13.34 -18.24
C ALA A 249 20.26 -14.27 -19.43
N ILE A 250 19.00 -14.61 -19.73
CA ILE A 250 18.75 -15.55 -20.82
C ILE A 250 18.62 -14.82 -22.14
N MET A 251 17.90 -13.69 -22.17
CA MET A 251 17.75 -12.97 -23.42
C MET A 251 19.00 -12.17 -23.79
N LEU A 252 19.96 -12.09 -22.89
CA LEU A 252 21.30 -11.65 -23.27
C LEU A 252 22.12 -12.79 -23.85
N LEU A 253 21.66 -14.02 -23.68
CA LEU A 253 22.23 -15.20 -24.33
C LEU A 253 21.50 -15.52 -25.63
N ILE A 254 20.18 -15.37 -25.65
CA ILE A 254 19.45 -15.50 -26.91
C ILE A 254 19.80 -14.36 -27.85
N GLY A 255 19.86 -13.13 -27.33
CA GLY A 255 20.33 -12.03 -28.15
C GLY A 255 21.75 -12.23 -28.61
N ALA A 256 22.55 -12.97 -27.84
CA ALA A 256 23.83 -13.44 -28.32
C ALA A 256 23.64 -14.49 -29.42
N LEU A 257 22.79 -15.49 -29.15
CA LEU A 257 22.61 -16.59 -30.09
C LEU A 257 22.18 -16.09 -31.47
N ALA A 258 21.43 -14.99 -31.50
CA ALA A 258 21.01 -14.42 -32.77
C ALA A 258 22.03 -13.47 -33.38
N VAL A 259 23.16 -13.26 -32.73
CA VAL A 259 24.24 -12.44 -33.28
C VAL A 259 25.33 -13.30 -33.91
N ILE A 260 25.77 -14.35 -33.21
CA ILE A 260 26.72 -15.28 -33.81
C ILE A 260 26.11 -15.96 -35.03
N LEU A 261 24.83 -16.34 -34.94
CA LEU A 261 24.19 -17.01 -36.07
C LEU A 261 24.13 -16.10 -37.29
N MET A 262 23.92 -14.79 -37.08
CA MET A 262 23.99 -13.84 -38.18
C MET A 262 25.43 -13.62 -38.65
N LEU A 263 26.39 -13.64 -37.73
CA LEU A 263 27.79 -13.57 -38.15
C LEU A 263 28.20 -14.83 -38.89
N TRP A 264 27.72 -15.99 -38.43
CA TRP A 264 28.21 -17.27 -38.96
C TRP A 264 27.58 -17.60 -40.31
N MET A 265 26.25 -17.70 -40.35
CA MET A 265 25.59 -18.17 -41.58
C MET A 265 25.71 -17.16 -42.71
N ALA A 266 25.63 -15.87 -42.41
CA ALA A 266 25.71 -14.86 -43.45
C ALA A 266 27.07 -14.82 -44.12
N SER A 267 28.10 -15.44 -43.52
CA SER A 267 29.37 -15.59 -44.21
C SER A 267 29.23 -16.44 -45.46
N GLY A 268 28.41 -17.48 -45.39
CA GLY A 268 28.18 -18.31 -46.56
C GLY A 268 27.60 -17.53 -47.73
N GLY A 269 26.77 -16.55 -47.44
CA GLY A 269 26.24 -15.65 -48.46
C GLY A 269 24.77 -15.34 -48.22
N VAL A 270 24.36 -14.17 -48.71
CA VAL A 270 22.97 -13.75 -48.69
C VAL A 270 22.41 -13.91 -50.10
N GLY A 271 21.19 -14.45 -50.19
CA GLY A 271 20.65 -14.76 -51.50
C GLY A 271 21.52 -15.76 -52.22
N GLY A 272 21.67 -15.57 -53.53
CA GLY A 272 22.58 -16.42 -54.30
C GLY A 272 24.02 -15.96 -54.26
N ASN A 273 24.28 -14.74 -53.82
CA ASN A 273 25.63 -14.19 -53.81
C ASN A 273 26.43 -14.87 -52.70
N ALA A 274 27.53 -15.51 -53.05
CA ALA A 274 28.36 -16.24 -52.10
C ALA A 274 29.38 -15.36 -51.39
N GLN A 275 29.54 -14.11 -51.81
CA GLN A 275 30.48 -13.19 -51.18
C GLN A 275 29.74 -11.89 -50.88
N PRO A 276 28.99 -11.86 -49.77
CA PRO A 276 28.27 -10.63 -49.42
C PRO A 276 29.19 -9.60 -48.77
N GLY A 277 29.50 -8.53 -49.52
CA GLY A 277 30.42 -7.54 -48.99
C GLY A 277 29.87 -6.80 -47.79
N ALA A 278 28.86 -5.95 -48.01
CA ALA A 278 28.30 -5.14 -46.94
C ALA A 278 27.05 -5.73 -46.31
N LEU A 279 26.43 -6.73 -46.93
CA LEU A 279 25.18 -7.26 -46.41
C LEU A 279 25.40 -8.15 -45.18
N ILE A 280 26.64 -8.53 -44.88
CA ILE A 280 26.91 -9.20 -43.61
C ILE A 280 26.60 -8.27 -42.45
N ALA A 281 27.03 -7.01 -42.57
CA ALA A 281 26.78 -6.02 -41.53
C ALA A 281 25.32 -5.60 -41.46
N LEU A 282 24.54 -5.81 -42.51
CA LEU A 282 23.13 -5.44 -42.48
C LEU A 282 22.32 -6.43 -41.65
N PHE A 283 22.76 -7.68 -41.55
CA PHE A 283 22.04 -8.69 -40.79
C PHE A 283 22.49 -8.77 -39.34
N VAL A 284 23.79 -8.68 -39.08
CA VAL A 284 24.28 -8.74 -37.71
C VAL A 284 23.86 -7.49 -36.94
N PHE A 285 23.87 -6.33 -37.59
CA PHE A 285 23.47 -5.10 -36.91
C PHE A 285 21.95 -5.01 -36.76
N CYS A 286 21.19 -5.61 -37.67
CA CYS A 286 19.76 -5.73 -37.45
C CYS A 286 19.48 -6.63 -36.26
N ALA A 287 20.17 -7.77 -36.17
CA ALA A 287 20.00 -8.66 -35.03
C ALA A 287 20.49 -8.02 -33.74
N LEU A 288 21.56 -7.23 -33.81
CA LEU A 288 22.07 -6.56 -32.62
C LEU A 288 21.07 -5.54 -32.09
N ALA A 289 20.42 -4.79 -33.00
CA ALA A 289 19.52 -3.72 -32.58
C ALA A 289 18.09 -4.18 -32.37
N ALA A 290 17.72 -5.37 -32.84
CA ALA A 290 16.33 -5.80 -32.80
C ALA A 290 15.95 -6.51 -31.51
N PHE A 291 16.89 -6.72 -30.60
CA PHE A 291 16.55 -7.33 -29.32
C PHE A 291 16.25 -6.29 -28.25
N GLU A 292 16.34 -5.00 -28.59
CA GLU A 292 15.73 -3.97 -27.75
C GLU A 292 14.22 -3.96 -27.91
N ALA A 293 13.70 -4.52 -29.00
CA ALA A 293 12.25 -4.65 -29.16
C ALA A 293 11.68 -5.63 -28.14
N LEU A 294 12.40 -6.71 -27.87
CA LEU A 294 11.98 -7.70 -26.88
C LEU A 294 12.51 -7.40 -25.49
N ALA A 295 13.24 -6.29 -25.31
CA ALA A 295 13.70 -5.91 -23.99
C ALA A 295 12.56 -5.66 -23.01
N PRO A 296 11.50 -4.91 -23.35
CA PRO A 296 10.37 -4.77 -22.40
C PRO A 296 9.64 -6.07 -22.13
N VAL A 297 9.80 -7.08 -22.96
CA VAL A 297 9.18 -8.39 -22.70
C VAL A 297 9.76 -8.98 -21.43
N THR A 298 11.05 -8.76 -21.17
CA THR A 298 11.62 -9.11 -19.88
C THR A 298 10.88 -8.39 -18.77
N GLY A 299 10.49 -9.12 -17.74
CA GLY A 299 9.70 -8.58 -16.66
C GLY A 299 8.23 -8.47 -16.94
N ALA A 300 7.79 -8.73 -18.17
CA ALA A 300 6.36 -8.72 -18.50
C ALA A 300 5.65 -9.95 -17.99
N PHE A 301 6.37 -10.93 -17.43
CA PHE A 301 5.72 -12.03 -16.73
C PHE A 301 5.48 -11.68 -15.27
N GLN A 302 6.36 -10.88 -14.67
CA GLN A 302 6.09 -10.35 -13.34
C GLN A 302 4.91 -9.39 -13.36
N HIS A 303 4.85 -8.50 -14.34
CA HIS A 303 3.75 -7.56 -14.44
C HIS A 303 2.45 -8.22 -14.85
N LEU A 304 2.52 -9.34 -15.56
CA LEU A 304 1.30 -10.09 -15.88
C LEU A 304 0.80 -10.86 -14.68
N GLY A 305 1.71 -11.31 -13.81
CA GLY A 305 1.29 -12.03 -12.62
C GLY A 305 0.50 -11.17 -11.64
N GLN A 306 0.97 -9.95 -11.40
CA GLN A 306 0.25 -9.05 -10.51
C GLN A 306 -1.08 -8.63 -11.09
N VAL A 307 -1.12 -8.35 -12.39
CA VAL A 307 -2.36 -7.89 -13.03
C VAL A 307 -3.42 -8.96 -12.95
N ILE A 308 -3.07 -10.20 -13.29
CA ILE A 308 -4.06 -11.28 -13.28
C ILE A 308 -4.50 -11.58 -11.85
N ALA A 309 -3.57 -11.48 -10.89
CA ALA A 309 -3.95 -11.64 -9.49
C ALA A 309 -4.84 -10.49 -9.02
N SER A 310 -4.62 -9.29 -9.55
CA SER A 310 -5.45 -8.16 -9.21
C SER A 310 -6.83 -8.27 -9.83
N ALA A 311 -6.91 -8.80 -11.04
CA ALA A 311 -8.21 -9.00 -11.69
C ALA A 311 -9.04 -10.04 -10.94
N VAL A 312 -8.39 -10.99 -10.29
CA VAL A 312 -9.11 -12.01 -9.54
C VAL A 312 -9.76 -11.41 -8.29
N ARG A 313 -9.02 -10.55 -7.59
CA ARG A 313 -9.54 -9.96 -6.36
C ARG A 313 -10.78 -9.13 -6.63
N ILE A 314 -10.72 -8.24 -7.62
CA ILE A 314 -11.86 -7.39 -7.93
C ILE A 314 -13.04 -8.22 -8.41
N SER A 315 -12.78 -9.21 -9.27
CA SER A 315 -13.85 -10.08 -9.73
C SER A 315 -14.46 -10.86 -8.58
N ASP A 316 -13.62 -11.36 -7.67
CA ASP A 316 -14.13 -12.05 -6.50
C ASP A 316 -14.82 -11.11 -5.51
N LEU A 317 -14.70 -9.80 -5.70
CA LEU A 317 -15.30 -8.81 -4.82
C LEU A 317 -16.48 -8.08 -5.42
N THR A 318 -16.48 -7.85 -6.73
CA THR A 318 -17.55 -7.12 -7.41
C THR A 318 -18.51 -8.05 -8.15
N ASP A 319 -18.42 -9.36 -7.95
CA ASP A 319 -19.36 -10.31 -8.53
C ASP A 319 -20.24 -10.97 -7.49
N GLN A 320 -20.11 -10.61 -6.21
CA GLN A 320 -21.00 -11.13 -5.20
C GLN A 320 -22.42 -10.68 -5.47
N LYS A 321 -23.38 -11.57 -5.23
CA LYS A 321 -24.77 -11.18 -5.34
C LYS A 321 -25.11 -10.17 -4.24
N PRO A 322 -25.83 -9.10 -4.56
CA PRO A 322 -26.26 -8.17 -3.51
C PRO A 322 -27.09 -8.90 -2.47
N GLU A 323 -26.81 -8.60 -1.19
CA GLU A 323 -27.52 -9.26 -0.11
C GLU A 323 -28.98 -8.83 -0.06
N VAL A 324 -29.28 -7.61 -0.51
CA VAL A 324 -30.63 -7.07 -0.49
C VAL A 324 -30.98 -6.57 -1.90
N THR A 325 -32.23 -6.78 -2.29
CA THR A 325 -32.72 -6.38 -3.60
C THR A 325 -33.84 -5.37 -3.44
N PHE A 326 -33.88 -4.38 -4.34
CA PHE A 326 -34.89 -3.32 -4.28
C PHE A 326 -35.84 -3.45 -5.47
N PRO A 327 -37.06 -3.93 -5.28
CA PRO A 327 -38.04 -3.89 -6.37
C PRO A 327 -38.42 -2.46 -6.71
N ASP A 328 -38.71 -2.23 -7.99
CA ASP A 328 -39.04 -0.90 -8.49
C ASP A 328 -40.55 -0.79 -8.66
N THR A 329 -41.20 -0.08 -7.73
CA THR A 329 -42.63 0.16 -7.78
C THR A 329 -42.98 1.62 -8.08
N GLN A 330 -41.99 2.51 -8.05
CA GLN A 330 -42.19 3.93 -8.31
C GLN A 330 -43.24 4.53 -7.37
N THR A 331 -43.19 4.11 -6.11
CA THR A 331 -44.13 4.62 -5.12
C THR A 331 -43.81 6.07 -4.77
N ARG A 332 -44.83 6.78 -4.28
CA ARG A 332 -44.66 8.17 -3.91
C ARG A 332 -43.97 8.28 -2.55
N VAL A 333 -43.44 9.47 -2.28
CA VAL A 333 -42.73 9.71 -1.02
C VAL A 333 -43.74 9.74 0.12
N ALA A 334 -43.61 8.79 1.04
CA ALA A 334 -44.50 8.73 2.19
C ALA A 334 -44.20 9.87 3.15
N ASP A 335 -45.22 10.25 3.91
CA ASP A 335 -45.11 11.31 4.91
C ASP A 335 -45.71 10.83 6.23
N ARG A 336 -45.19 11.36 7.33
CA ARG A 336 -45.65 11.03 8.67
C ARG A 336 -45.54 9.52 8.91
N VAL A 337 -44.35 8.98 8.62
CA VAL A 337 -44.17 7.54 8.62
C VAL A 337 -44.09 7.01 10.04
N SER A 338 -44.35 5.70 10.19
CA SER A 338 -44.24 5.02 11.48
C SER A 338 -44.05 3.54 11.20
N LEU A 339 -42.93 2.99 11.65
CA LEU A 339 -42.61 1.59 11.41
C LEU A 339 -42.95 0.73 12.63
N THR A 340 -42.59 -0.54 12.53
CA THR A 340 -42.74 -1.48 13.64
C THR A 340 -41.90 -2.71 13.34
N LEU A 341 -41.48 -3.39 14.41
CA LEU A 341 -40.67 -4.60 14.28
C LEU A 341 -41.29 -5.69 15.14
N ARG A 342 -41.34 -6.90 14.59
CA ARG A 342 -41.95 -8.04 15.26
C ARG A 342 -41.03 -9.25 15.12
N ASP A 343 -40.30 -9.57 16.19
CA ASP A 343 -39.40 -10.72 16.23
C ASP A 343 -38.40 -10.68 15.08
N VAL A 344 -37.58 -9.64 15.07
CA VAL A 344 -36.56 -9.48 14.03
C VAL A 344 -35.29 -10.17 14.49
N GLN A 345 -34.83 -11.14 13.70
CA GLN A 345 -33.59 -11.85 13.97
C GLN A 345 -32.65 -11.68 12.79
N PHE A 346 -31.35 -11.69 13.08
CA PHE A 346 -30.35 -11.52 12.03
C PHE A 346 -28.98 -11.98 12.50
N THR A 347 -28.35 -12.87 11.73
CA THR A 347 -26.98 -13.30 12.00
C THR A 347 -26.10 -12.93 10.81
N TYR A 348 -24.90 -12.46 11.11
CA TYR A 348 -23.96 -12.04 10.09
C TYR A 348 -23.44 -13.25 9.33
N PRO A 349 -22.99 -13.06 8.08
CA PRO A 349 -22.45 -14.19 7.33
C PRO A 349 -21.23 -14.79 8.01
N GLU A 350 -21.10 -16.12 7.88
CA GLU A 350 -20.08 -16.89 8.59
C GLU A 350 -20.06 -16.57 10.09
N GLN A 351 -21.22 -16.74 10.74
CA GLN A 351 -21.34 -16.62 12.17
C GLN A 351 -22.12 -17.80 12.74
N SER A 352 -21.86 -18.09 14.01
CA SER A 352 -22.52 -19.19 14.70
C SER A 352 -23.43 -18.72 15.84
N GLN A 353 -23.46 -17.42 16.12
CA GLN A 353 -24.33 -16.87 17.15
C GLN A 353 -24.97 -15.59 16.64
N GLN A 354 -26.25 -15.43 16.93
CA GLN A 354 -27.01 -14.32 16.37
C GLN A 354 -26.67 -13.01 17.06
N ALA A 355 -26.58 -11.94 16.27
CA ALA A 355 -26.39 -10.60 16.80
C ALA A 355 -27.69 -9.87 17.09
N LEU A 356 -28.83 -10.46 16.69
CA LEU A 356 -30.14 -9.88 16.97
C LEU A 356 -31.11 -11.04 17.19
N LYS A 357 -31.73 -11.09 18.36
CA LYS A 357 -32.65 -12.17 18.71
C LYS A 357 -33.88 -11.58 19.38
N GLY A 358 -35.05 -11.85 18.81
CA GLY A 358 -36.31 -11.45 19.42
C GLY A 358 -36.49 -9.97 19.62
N ILE A 359 -36.13 -9.17 18.62
CA ILE A 359 -36.32 -7.72 18.70
C ILE A 359 -37.72 -7.38 18.26
N SER A 360 -38.44 -6.63 19.10
CA SER A 360 -39.80 -6.22 18.77
C SER A 360 -40.10 -4.89 19.45
N LEU A 361 -40.33 -3.86 18.64
CA LEU A 361 -40.72 -2.55 19.15
C LEU A 361 -41.62 -1.88 18.12
N GLN A 362 -42.61 -1.15 18.59
CA GLN A 362 -43.57 -0.45 17.74
C GLN A 362 -43.40 1.05 17.96
N VAL A 363 -43.33 1.81 16.87
CA VAL A 363 -43.14 3.25 16.92
C VAL A 363 -44.29 3.92 16.19
N ASN A 364 -44.87 4.94 16.82
CA ASN A 364 -45.87 5.77 16.18
C ASN A 364 -45.21 6.93 15.46
N ALA A 365 -45.95 7.55 14.55
CA ALA A 365 -45.43 8.69 13.80
C ALA A 365 -45.29 9.89 14.72
N GLY A 366 -44.21 10.65 14.51
CA GLY A 366 -43.93 11.80 15.36
C GLY A 366 -43.63 11.45 16.80
N GLU A 367 -42.84 10.40 17.03
CA GLU A 367 -42.49 9.96 18.37
C GLU A 367 -40.98 9.84 18.48
N HIS A 368 -40.43 10.26 19.61
CA HIS A 368 -38.99 10.30 19.86
C HIS A 368 -38.62 9.17 20.80
N ILE A 369 -37.91 8.17 20.28
CA ILE A 369 -37.55 6.97 21.03
C ILE A 369 -36.04 6.84 21.10
N ALA A 370 -35.52 6.56 22.29
CA ALA A 370 -34.10 6.33 22.51
C ALA A 370 -33.87 4.88 22.87
N ILE A 371 -32.99 4.21 22.12
CA ILE A 371 -32.59 2.84 22.40
C ILE A 371 -31.20 2.87 23.02
N LEU A 372 -31.06 2.22 24.17
CA LEU A 372 -29.84 2.32 24.96
C LEU A 372 -29.18 0.95 25.02
N GLY A 373 -28.07 0.78 24.29
CA GLY A 373 -27.30 -0.44 24.35
C GLY A 373 -25.92 -0.17 24.90
N ARG A 374 -25.51 -0.93 25.93
CA ARG A 374 -24.36 -0.53 26.73
C ARG A 374 -23.05 -0.70 25.96
N THR A 375 -22.94 -1.78 25.19
CA THR A 375 -21.84 -1.96 24.25
C THR A 375 -22.18 -3.15 23.35
N GLY A 376 -21.90 -2.99 22.05
CA GLY A 376 -22.25 -4.04 21.12
C GLY A 376 -23.76 -4.24 21.10
N CYS A 377 -24.17 -5.48 21.40
CA CYS A 377 -25.58 -5.85 21.60
C CYS A 377 -26.49 -5.38 20.47
N GLY A 378 -25.90 -5.13 19.31
CA GLY A 378 -26.67 -4.87 18.10
C GLY A 378 -27.54 -3.63 18.14
N LYS A 379 -27.08 -2.56 18.77
CA LYS A 379 -27.89 -1.30 18.72
C LYS A 379 -27.67 -0.70 17.32
N SER A 380 -26.42 -0.65 16.86
CA SER A 380 -26.13 -0.17 15.52
C SER A 380 -26.43 -1.21 14.45
N THR A 381 -26.55 -2.48 14.82
CA THR A 381 -27.02 -3.47 13.87
C THR A 381 -28.50 -3.32 13.58
N LEU A 382 -29.28 -2.95 14.60
CA LEU A 382 -30.71 -2.76 14.41
C LEU A 382 -31.01 -1.65 13.41
N LEU A 383 -30.20 -0.58 13.43
CA LEU A 383 -30.39 0.51 12.48
C LEU A 383 -30.06 0.12 11.06
N GLN A 384 -29.29 -0.94 10.86
CA GLN A 384 -28.93 -1.34 9.50
C GLN A 384 -30.11 -1.96 8.76
N GLN A 385 -30.95 -2.75 9.44
CA GLN A 385 -32.13 -3.27 8.79
C GLN A 385 -33.10 -2.17 8.43
N LEU A 386 -33.20 -1.14 9.26
CA LEU A 386 -34.11 -0.03 8.97
C LEU A 386 -33.69 0.70 7.70
N THR A 387 -32.40 0.94 7.54
CA THR A 387 -31.87 1.45 6.27
C THR A 387 -31.76 0.35 5.22
N ARG A 388 -32.01 -0.90 5.60
CA ARG A 388 -32.08 -2.04 4.68
C ARG A 388 -30.72 -2.31 4.04
N ALA A 389 -29.72 -2.54 4.89
CA ALA A 389 -28.40 -2.96 4.42
C ALA A 389 -28.29 -4.47 4.41
N TRP A 390 -28.87 -5.15 5.40
CA TRP A 390 -29.02 -6.59 5.41
C TRP A 390 -30.49 -6.96 5.51
N ASP A 391 -30.81 -8.18 5.08
CA ASP A 391 -32.17 -8.69 5.12
C ASP A 391 -32.35 -9.53 6.38
N PRO A 392 -33.27 -9.16 7.27
CA PRO A 392 -33.47 -9.98 8.48
C PRO A 392 -34.01 -11.35 8.12
N GLN A 393 -33.60 -12.34 8.92
CA GLN A 393 -34.01 -13.73 8.75
C GLN A 393 -34.88 -14.14 9.93
N GLN A 394 -35.94 -14.89 9.66
CA GLN A 394 -37.02 -15.11 10.62
C GLN A 394 -37.41 -13.80 11.30
N GLY A 395 -37.67 -12.78 10.49
CA GLY A 395 -38.06 -11.48 11.01
C GLY A 395 -39.00 -10.77 10.06
N GLU A 396 -39.69 -9.77 10.59
CA GLU A 396 -40.66 -8.99 9.83
C GLU A 396 -40.44 -7.51 10.13
N ILE A 397 -40.16 -6.73 9.09
CA ILE A 397 -40.04 -5.28 9.20
C ILE A 397 -41.22 -4.65 8.47
N LEU A 398 -41.99 -3.84 9.17
CA LEU A 398 -43.15 -3.17 8.61
C LEU A 398 -43.02 -1.67 8.82
N LEU A 399 -43.22 -0.91 7.75
CA LEU A 399 -43.17 0.55 7.79
C LEU A 399 -44.50 1.08 7.28
N ASN A 400 -45.17 1.89 8.10
CA ASN A 400 -46.55 2.32 7.84
C ASN A 400 -47.45 1.12 7.58
N ASP A 401 -47.41 0.17 8.53
CA ASP A 401 -48.08 -1.12 8.45
C ASP A 401 -47.98 -1.74 7.07
N SER A 402 -46.83 -1.57 6.42
CA SER A 402 -46.52 -2.15 5.13
C SER A 402 -45.09 -2.66 5.15
N PRO A 403 -44.79 -3.73 4.41
CA PRO A 403 -43.43 -4.28 4.42
C PRO A 403 -42.43 -3.27 3.88
N ILE A 404 -41.24 -3.27 4.48
CA ILE A 404 -40.19 -2.35 4.05
C ILE A 404 -39.59 -2.77 2.72
N ALA A 405 -39.66 -4.06 2.37
CA ALA A 405 -39.08 -4.53 1.12
C ALA A 405 -39.83 -4.03 -0.10
N SER A 406 -41.04 -3.49 0.06
CA SER A 406 -41.79 -2.97 -1.07
C SER A 406 -41.32 -1.61 -1.53
N LEU A 407 -40.46 -0.94 -0.77
CA LEU A 407 -39.94 0.35 -1.16
C LEU A 407 -38.83 0.20 -2.19
N ASN A 408 -38.86 1.07 -3.20
CA ASN A 408 -37.77 1.13 -4.17
C ASN A 408 -36.63 1.98 -3.63
N GLU A 409 -35.46 1.86 -4.27
CA GLU A 409 -34.26 2.46 -3.73
C GLU A 409 -34.38 3.99 -3.63
N ALA A 410 -34.96 4.63 -4.64
CA ALA A 410 -35.10 6.08 -4.61
C ALA A 410 -36.03 6.52 -3.47
N ALA A 411 -37.13 5.80 -3.26
CA ALA A 411 -38.08 6.19 -2.22
C ALA A 411 -37.57 5.83 -0.83
N LEU A 412 -36.88 4.70 -0.69
CA LEU A 412 -36.38 4.31 0.63
C LEU A 412 -35.34 5.28 1.14
N ARG A 413 -34.44 5.75 0.26
CA ARG A 413 -33.48 6.76 0.67
C ARG A 413 -34.16 8.07 1.02
N GLN A 414 -35.31 8.35 0.42
CA GLN A 414 -36.01 9.59 0.69
C GLN A 414 -36.68 9.57 2.06
N THR A 415 -37.31 8.45 2.42
CA THR A 415 -38.09 8.40 3.65
C THR A 415 -37.23 8.28 4.90
N ILE A 416 -35.99 7.80 4.76
CA ILE A 416 -35.13 7.51 5.91
C ILE A 416 -33.82 8.25 5.73
N SER A 417 -33.48 9.10 6.69
CA SER A 417 -32.20 9.79 6.73
C SER A 417 -31.55 9.51 8.08
N VAL A 418 -30.31 9.02 8.05
CA VAL A 418 -29.60 8.60 9.26
C VAL A 418 -28.28 9.36 9.34
N VAL A 419 -27.90 9.74 10.55
CA VAL A 419 -26.55 10.20 10.85
C VAL A 419 -25.75 8.99 11.34
N PRO A 420 -24.71 8.56 10.63
CA PRO A 420 -24.03 7.33 10.99
C PRO A 420 -23.23 7.47 12.28
N GLN A 421 -22.77 6.34 12.79
CA GLN A 421 -21.93 6.35 13.98
C GLN A 421 -20.63 7.09 13.73
N ARG A 422 -20.01 6.87 12.58
CA ARG A 422 -18.80 7.58 12.18
C ARG A 422 -19.13 8.48 11.00
N VAL A 423 -18.90 9.78 11.15
CA VAL A 423 -19.23 10.73 10.11
C VAL A 423 -18.07 10.82 9.12
N HIS A 424 -18.41 11.09 7.85
CA HIS A 424 -17.42 11.11 6.78
C HIS A 424 -17.34 12.50 6.17
N LEU A 425 -16.13 13.05 6.15
CA LEU A 425 -15.83 14.25 5.38
C LEU A 425 -15.41 13.83 3.98
N PHE A 426 -16.03 14.43 2.97
CA PHE A 426 -15.91 13.96 1.60
C PHE A 426 -14.85 14.69 0.79
N SER A 427 -14.00 15.48 1.44
CA SER A 427 -12.89 16.17 0.78
C SER A 427 -13.36 16.98 -0.42
N ALA A 428 -14.41 17.78 -0.19
CA ALA A 428 -14.90 18.72 -1.18
C ALA A 428 -15.21 20.03 -0.47
N THR A 429 -15.63 21.02 -1.24
CA THR A 429 -16.04 22.29 -0.65
C THR A 429 -17.20 22.05 0.30
N LEU A 430 -17.21 22.81 1.40
CA LEU A 430 -18.29 22.67 2.38
C LEU A 430 -19.66 22.85 1.74
N ARG A 431 -19.72 23.64 0.67
CA ARG A 431 -20.91 23.64 -0.18
C ARG A 431 -21.19 22.23 -0.70
N ASP A 432 -20.25 21.66 -1.45
CA ASP A 432 -20.43 20.35 -2.07
C ASP A 432 -20.48 19.21 -1.07
N ASN A 433 -20.13 19.47 0.19
CA ASN A 433 -20.24 18.46 1.24
C ASN A 433 -21.64 18.39 1.84
N LEU A 434 -22.49 19.38 1.57
CA LEU A 434 -23.86 19.38 2.03
C LEU A 434 -24.87 19.11 0.92
N LEU A 435 -24.47 19.27 -0.34
CA LEU A 435 -25.35 18.91 -1.46
C LEU A 435 -25.62 17.41 -1.51
N LEU A 436 -24.88 16.60 -0.77
CA LEU A 436 -25.21 15.18 -0.64
C LEU A 436 -26.64 15.01 -0.14
N ALA A 437 -27.02 15.81 0.85
CA ALA A 437 -28.36 15.69 1.42
C ALA A 437 -29.42 16.10 0.41
N SER A 438 -29.26 17.27 -0.20
CA SER A 438 -30.21 17.77 -1.19
C SER A 438 -29.47 18.04 -2.50
N PRO A 439 -29.75 17.28 -3.56
CA PRO A 439 -29.02 17.53 -4.84
C PRO A 439 -29.20 18.94 -5.35
N GLY A 440 -30.39 19.52 -5.20
CA GLY A 440 -30.63 20.89 -5.62
C GLY A 440 -31.20 21.73 -4.52
N SER A 441 -30.44 22.73 -4.07
CA SER A 441 -30.88 23.59 -2.98
C SER A 441 -30.22 24.95 -3.11
N SER A 442 -30.99 26.00 -2.85
CA SER A 442 -30.45 27.35 -2.88
C SER A 442 -29.37 27.51 -1.82
N ASP A 443 -28.31 28.25 -2.16
CA ASP A 443 -27.19 28.42 -1.24
C ASP A 443 -27.64 29.14 0.03
N GLU A 444 -28.48 30.17 -0.12
CA GLU A 444 -28.91 30.95 1.04
C GLU A 444 -29.64 30.08 2.05
N ALA A 445 -30.51 29.18 1.57
CA ALA A 445 -31.16 28.23 2.47
C ALA A 445 -30.14 27.27 3.08
N LEU A 446 -29.17 26.83 2.30
CA LEU A 446 -28.15 25.92 2.82
C LEU A 446 -27.31 26.57 3.90
N SER A 447 -26.89 27.82 3.68
CA SER A 447 -26.04 28.50 4.66
C SER A 447 -26.76 28.76 5.97
N GLU A 448 -28.10 28.79 5.97
CA GLU A 448 -28.83 29.01 7.21
C GLU A 448 -28.72 27.80 8.13
N ILE A 449 -28.65 26.59 7.56
CA ILE A 449 -28.63 25.38 8.40
C ILE A 449 -27.37 25.34 9.26
N LEU A 450 -26.21 25.68 8.67
CA LEU A 450 -24.97 25.62 9.43
C LEU A 450 -25.00 26.55 10.63
N ARG A 451 -25.47 27.78 10.46
CA ARG A 451 -25.59 28.69 11.59
C ARG A 451 -26.74 28.31 12.50
N ARG A 452 -27.72 27.55 11.99
CA ARG A 452 -28.83 27.11 12.84
C ARG A 452 -28.39 26.02 13.82
N VAL A 453 -27.48 25.14 13.41
CA VAL A 453 -27.04 24.04 14.25
C VAL A 453 -25.81 24.40 15.07
N GLY A 454 -25.39 25.66 15.04
CA GLY A 454 -24.20 26.06 15.78
C GLY A 454 -22.89 25.83 15.05
N LEU A 455 -22.93 25.74 13.72
CA LEU A 455 -21.73 25.53 12.92
C LEU A 455 -21.38 26.76 12.08
N GLU A 456 -21.82 27.94 12.51
CA GLU A 456 -21.55 29.17 11.77
C GLU A 456 -20.07 29.52 11.76
N LYS A 457 -19.29 28.88 12.65
CA LYS A 457 -17.83 29.20 12.76
C LYS A 457 -17.08 28.87 11.47
N LEU A 458 -17.55 27.89 10.69
CA LEU A 458 -16.88 27.48 9.47
C LEU A 458 -17.05 28.47 8.33
N LEU A 459 -17.95 29.45 8.46
CA LEU A 459 -18.26 30.37 7.36
C LEU A 459 -17.42 31.64 7.40
N GLU A 460 -16.36 31.67 8.21
CA GLU A 460 -15.61 32.91 8.42
C GLU A 460 -14.89 33.36 7.15
N ASP A 461 -14.15 32.45 6.52
CA ASP A 461 -13.31 32.80 5.37
C ASP A 461 -13.61 31.83 4.22
N ALA A 462 -14.53 32.24 3.34
CA ALA A 462 -14.94 31.43 2.20
C ALA A 462 -15.29 30.00 2.63
N GLY A 463 -16.10 29.91 3.68
CA GLY A 463 -16.37 28.61 4.29
C GLY A 463 -17.01 27.64 3.33
N LEU A 464 -18.03 28.09 2.58
CA LEU A 464 -18.68 27.22 1.63
C LEU A 464 -17.78 26.87 0.44
N ASN A 465 -16.70 27.60 0.24
CA ASN A 465 -15.72 27.27 -0.79
C ASN A 465 -14.44 26.68 -0.20
N SER A 466 -14.36 26.54 1.13
CA SER A 466 -13.16 26.00 1.75
C SER A 466 -13.11 24.49 1.58
N TRP A 467 -11.94 23.98 1.25
CA TRP A 467 -11.77 22.54 1.11
C TRP A 467 -11.85 21.84 2.46
N LEU A 468 -12.46 20.67 2.47
CA LEU A 468 -12.57 19.82 3.65
C LEU A 468 -11.84 18.51 3.40
N GLY A 469 -11.97 17.57 4.33
CA GLY A 469 -11.32 16.30 4.13
C GLY A 469 -9.82 16.37 4.34
N GLU A 470 -9.10 15.52 3.61
CA GLU A 470 -7.65 15.44 3.78
C GLU A 470 -6.95 16.70 3.27
N GLY A 471 -7.40 17.25 2.15
CA GLY A 471 -6.77 18.41 1.57
C GLY A 471 -6.88 19.65 2.42
N GLY A 472 -8.08 19.92 2.93
CA GLY A 472 -8.32 21.12 3.72
C GLY A 472 -8.25 20.87 5.21
N ARG A 473 -8.97 21.71 5.94
CA ARG A 473 -9.01 21.62 7.40
C ARG A 473 -9.94 20.50 7.84
N GLN A 474 -9.48 19.67 8.78
CA GLN A 474 -10.31 18.63 9.35
C GLN A 474 -11.15 19.19 10.49
N LEU A 475 -12.46 18.95 10.42
CA LEU A 475 -13.31 19.30 11.54
C LEU A 475 -12.99 18.42 12.74
N SER A 476 -13.07 19.01 13.93
CA SER A 476 -12.78 18.26 15.14
C SER A 476 -13.90 17.25 15.41
N GLY A 477 -13.59 16.25 16.24
CA GLY A 477 -14.52 15.17 16.47
C GLY A 477 -15.87 15.63 16.99
N GLY A 478 -15.86 16.57 17.94
CA GLY A 478 -17.11 17.16 18.39
C GLY A 478 -17.76 18.02 17.33
N GLU A 479 -16.96 18.78 16.58
CA GLU A 479 -17.49 19.65 15.54
C GLU A 479 -17.92 18.87 14.31
N LEU A 480 -17.22 17.77 14.00
CA LEU A 480 -17.61 16.95 12.85
C LEU A 480 -18.99 16.35 13.04
N ARG A 481 -19.31 15.92 14.25
CA ARG A 481 -20.64 15.36 14.52
C ARG A 481 -21.73 16.41 14.30
N ARG A 482 -21.45 17.68 14.59
CA ARG A 482 -22.44 18.73 14.36
C ARG A 482 -22.81 18.87 12.88
N LEU A 483 -21.96 18.39 11.98
CA LEU A 483 -22.21 18.46 10.55
C LEU A 483 -23.15 17.38 10.06
N ALA A 484 -23.15 16.22 10.73
CA ALA A 484 -24.03 15.12 10.32
C ALA A 484 -25.50 15.51 10.47
N ILE A 485 -25.85 16.17 11.57
CA ILE A 485 -27.23 16.63 11.75
C ILE A 485 -27.59 17.62 10.65
N ALA A 486 -26.65 18.47 10.24
CA ALA A 486 -26.91 19.40 9.16
C ALA A 486 -27.27 18.66 7.88
N ARG A 487 -26.54 17.59 7.57
CA ARG A 487 -26.89 16.78 6.40
C ARG A 487 -28.18 16.00 6.61
N ALA A 488 -28.63 15.86 7.85
CA ALA A 488 -29.93 15.25 8.12
C ALA A 488 -31.07 16.26 8.08
N LEU A 489 -30.77 17.55 8.01
CA LEU A 489 -31.79 18.58 7.92
C LEU A 489 -32.09 18.99 6.49
N LEU A 490 -31.06 19.14 5.66
CA LEU A 490 -31.29 19.44 4.25
C LEU A 490 -32.07 18.33 3.58
N HIS A 491 -31.70 17.08 3.83
CA HIS A 491 -32.43 15.92 3.34
C HIS A 491 -33.51 15.53 4.35
N ASP A 492 -34.49 16.42 4.49
CA ASP A 492 -35.57 16.19 5.43
C ASP A 492 -36.35 14.93 5.05
N ALA A 493 -36.55 14.06 6.03
CA ALA A 493 -37.27 12.81 5.84
C ALA A 493 -38.26 12.63 6.97
N PRO A 494 -39.39 11.98 6.70
CA PRO A 494 -40.35 11.71 7.79
C PRO A 494 -39.75 10.90 8.92
N LEU A 495 -38.80 10.02 8.63
CA LEU A 495 -38.09 9.23 9.63
C LEU A 495 -36.62 9.61 9.60
N VAL A 496 -36.17 10.31 10.63
CA VAL A 496 -34.77 10.67 10.80
C VAL A 496 -34.25 10.00 12.07
N LEU A 497 -33.65 8.81 11.90
CA LEU A 497 -33.20 8.01 13.01
C LEU A 497 -31.71 8.25 13.22
N LEU A 498 -31.34 8.69 14.41
CA LEU A 498 -29.96 9.04 14.73
C LEU A 498 -29.17 7.82 15.17
N ASP A 499 -27.86 7.99 15.32
CA ASP A 499 -26.99 6.90 15.73
C ASP A 499 -25.80 7.49 16.48
N GLU A 500 -25.88 7.46 17.81
CA GLU A 500 -24.84 7.99 18.69
C GLU A 500 -24.39 9.41 18.32
N PRO A 501 -25.26 10.41 18.49
CA PRO A 501 -24.80 11.78 18.26
C PRO A 501 -23.95 12.33 19.40
N THR A 502 -24.18 11.87 20.63
CA THR A 502 -23.49 12.41 21.79
C THR A 502 -22.19 11.69 22.10
N GLU A 503 -21.87 10.63 21.37
CA GLU A 503 -20.68 9.84 21.68
C GLU A 503 -19.41 10.59 21.27
N GLY A 504 -18.42 10.59 22.17
CA GLY A 504 -17.11 11.13 21.89
C GLY A 504 -16.91 12.60 22.19
N LEU A 505 -17.98 13.32 22.51
CA LEU A 505 -17.90 14.75 22.76
C LEU A 505 -18.67 15.11 24.02
N ASP A 506 -18.16 16.09 24.76
CA ASP A 506 -18.76 16.52 26.01
C ASP A 506 -18.93 18.02 26.13
N ALA A 507 -18.11 18.83 25.46
CA ALA A 507 -18.22 20.28 25.59
C ALA A 507 -19.55 20.80 25.05
N THR A 508 -20.01 20.25 23.93
CA THR A 508 -21.23 20.73 23.29
C THR A 508 -22.30 19.64 23.19
N THR A 509 -22.17 18.57 23.98
CA THR A 509 -23.21 17.54 23.98
C THR A 509 -24.52 18.06 24.54
N GLU A 510 -24.46 19.01 25.48
CA GLU A 510 -25.67 19.56 26.07
C GLU A 510 -26.50 20.29 25.02
N SER A 511 -25.85 21.08 24.18
CA SER A 511 -26.56 21.80 23.12
C SER A 511 -26.95 20.89 21.96
N GLN A 512 -26.44 19.67 21.91
CA GLN A 512 -26.71 18.80 20.76
C GLN A 512 -28.16 18.34 20.76
N ILE A 513 -28.68 17.93 21.91
CA ILE A 513 -30.07 17.53 21.98
C ILE A 513 -31.00 18.71 21.74
N LEU A 514 -30.51 19.94 21.94
CA LEU A 514 -31.36 21.11 21.77
C LEU A 514 -31.94 21.19 20.37
N GLU A 515 -31.08 21.12 19.34
CA GLU A 515 -31.59 21.11 17.98
C GLU A 515 -32.21 19.77 17.60
N LEU A 516 -31.91 18.71 18.36
CA LEU A 516 -32.61 17.45 18.19
C LEU A 516 -34.08 17.58 18.55
N LEU A 517 -34.45 18.60 19.31
CA LEU A 517 -35.85 18.90 19.59
C LEU A 517 -36.25 20.30 19.16
N ALA A 518 -35.34 21.09 18.59
CA ALA A 518 -35.71 22.42 18.11
C ALA A 518 -36.38 22.35 16.74
N GLU A 519 -35.94 21.44 15.88
CA GLU A 519 -36.53 21.27 14.56
C GLU A 519 -36.88 19.83 14.22
N MET A 520 -36.39 18.86 14.96
CA MET A 520 -36.78 17.46 14.79
C MET A 520 -38.01 17.10 15.60
N MET A 521 -38.53 18.06 16.37
CA MET A 521 -39.68 17.82 17.27
C MET A 521 -41.01 18.01 16.54
N ARG A 522 -40.98 18.43 15.28
CA ARG A 522 -42.24 18.68 14.54
C ARG A 522 -42.46 17.64 13.44
N GLU A 523 -43.51 16.83 13.57
CA GLU A 523 -43.86 15.82 12.53
C GLU A 523 -42.65 14.98 12.14
N LYS A 524 -41.87 14.51 13.12
CA LYS A 524 -40.68 13.68 12.79
C LYS A 524 -40.53 12.54 13.80
N THR A 525 -39.88 11.45 13.36
CA THR A 525 -39.60 10.30 14.20
C THR A 525 -38.10 10.07 14.27
N VAL A 526 -37.57 9.91 15.49
CA VAL A 526 -36.14 9.71 15.70
C VAL A 526 -35.95 8.43 16.50
N LEU A 527 -35.16 7.50 15.95
CA LEU A 527 -34.71 6.33 16.68
C LEU A 527 -33.28 6.52 17.17
N MET A 528 -33.10 7.49 18.05
CA MET A 528 -31.77 7.78 18.59
C MET A 528 -31.26 6.59 19.40
N VAL A 529 -29.99 6.24 19.20
CA VAL A 529 -29.36 5.12 19.90
C VAL A 529 -28.06 5.61 20.53
N THR A 530 -27.97 5.52 21.86
CA THR A 530 -26.76 5.88 22.59
C THR A 530 -26.65 5.02 23.84
N HIS A 531 -25.44 4.93 24.36
CA HIS A 531 -25.20 4.33 25.66
C HIS A 531 -24.84 5.38 26.72
N ARG A 532 -24.94 6.66 26.36
CA ARG A 532 -24.67 7.75 27.30
C ARG A 532 -26.00 8.20 27.89
N LEU A 533 -26.24 7.84 29.14
CA LEU A 533 -27.47 8.20 29.84
C LEU A 533 -27.36 9.64 30.30
N ARG A 534 -27.74 10.56 29.42
CA ARG A 534 -27.67 11.99 29.71
C ARG A 534 -28.76 12.72 28.95
N GLY A 535 -29.66 13.37 29.68
CA GLY A 535 -30.74 14.17 29.10
C GLY A 535 -31.58 13.34 28.12
N LEU A 536 -31.82 12.08 28.47
CA LEU A 536 -32.66 11.21 27.66
C LEU A 536 -34.11 11.19 28.13
N SER A 537 -34.44 11.89 29.22
CA SER A 537 -35.79 11.84 29.77
C SER A 537 -36.84 12.46 28.87
N ARG A 538 -36.38 13.37 28.00
CA ARG A 538 -37.28 14.08 27.04
C ARG A 538 -37.68 13.12 25.91
N PHE A 539 -37.21 11.87 25.97
CA PHE A 539 -37.56 10.87 24.93
C PHE A 539 -38.51 9.81 25.52
N GLN A 540 -39.67 9.63 24.91
CA GLN A 540 -40.66 8.63 25.37
C GLN A 540 -40.24 7.24 24.88
N GLN A 541 -40.78 6.19 25.50
CA GLN A 541 -40.49 4.78 25.12
C GLN A 541 -38.97 4.52 25.07
N ILE A 542 -38.24 4.93 26.11
CA ILE A 542 -36.77 4.64 26.17
C ILE A 542 -36.62 3.12 26.24
N ILE A 543 -35.69 2.54 25.49
CA ILE A 543 -35.54 1.04 25.46
C ILE A 543 -34.07 0.64 25.67
N VAL A 544 -33.80 -0.21 26.67
CA VAL A 544 -32.47 -0.72 26.91
C VAL A 544 -32.44 -2.17 26.43
N MET A 545 -31.28 -2.58 25.90
CA MET A 545 -31.19 -3.89 25.28
C MET A 545 -29.74 -4.36 25.32
N ASP A 546 -29.55 -5.65 25.60
CA ASP A 546 -28.23 -6.23 25.73
C ASP A 546 -28.19 -7.58 25.02
N ASN A 547 -26.98 -7.97 24.62
CA ASN A 547 -26.71 -9.25 23.96
C ASN A 547 -27.55 -9.45 22.70
N GLY A 548 -28.08 -8.37 22.13
CA GLY A 548 -28.89 -8.47 20.94
C GLY A 548 -30.35 -8.74 21.19
N GLN A 549 -30.86 -8.44 22.39
CA GLN A 549 -32.27 -8.64 22.68
C GLN A 549 -32.74 -7.52 23.61
N ILE A 550 -33.99 -7.10 23.43
CA ILE A 550 -34.57 -6.03 24.22
C ILE A 550 -35.02 -6.57 25.56
N ILE A 551 -34.57 -5.95 26.65
CA ILE A 551 -34.94 -6.34 28.00
C ILE A 551 -35.41 -5.11 28.77
N GLU A 552 -36.43 -5.30 29.61
CA GLU A 552 -36.94 -4.27 30.51
C GLU A 552 -37.12 -2.91 29.82
N GLN A 553 -37.70 -2.95 28.61
CA GLN A 553 -37.97 -1.72 27.88
C GLN A 553 -38.97 -0.86 28.63
N GLY A 554 -38.79 0.46 28.53
CA GLY A 554 -39.67 1.40 29.20
C GLY A 554 -40.89 1.76 28.39
N MET B 1 11.48 22.92 -3.25
CA MET B 1 10.72 22.21 -2.20
C MET B 1 11.52 22.19 -0.90
N ASN B 2 11.61 21.03 -0.24
CA ASN B 2 12.38 20.89 1.03
C ASN B 2 13.86 20.62 0.69
N LYS B 3 14.55 21.61 0.13
CA LYS B 3 15.99 21.45 -0.25
C LYS B 3 16.82 21.18 1.00
N SER B 4 16.52 21.89 2.10
CA SER B 4 17.24 21.72 3.38
C SER B 4 17.07 20.29 3.90
N ARG B 5 15.85 19.75 3.79
CA ARG B 5 15.53 18.39 4.28
C ARG B 5 16.01 17.33 3.28
N GLN B 6 15.68 17.48 2.00
CA GLN B 6 16.05 16.46 0.98
C GLN B 6 17.55 16.16 1.02
N LYS B 7 18.39 17.18 1.09
CA LYS B 7 19.86 16.93 1.12
C LYS B 7 20.18 16.11 2.37
N GLU B 8 19.60 16.51 3.51
CA GLU B 8 19.82 15.79 4.79
C GLU B 8 19.20 14.39 4.72
N LEU B 9 17.98 14.28 4.17
CA LEU B 9 17.27 12.97 4.07
C LEU B 9 18.07 12.03 3.16
N THR B 10 18.55 12.56 2.02
CA THR B 10 19.33 11.74 1.05
C THR B 10 20.67 11.36 1.67
N ARG B 11 20.99 11.96 2.83
CA ARG B 11 22.23 11.61 3.52
C ARG B 11 21.99 10.52 4.57
N TRP B 12 20.80 10.49 5.17
CA TRP B 12 20.47 9.39 6.08
C TRP B 12 20.42 8.07 5.34
N LEU B 13 19.93 8.08 4.10
CA LEU B 13 19.87 6.85 3.31
C LEU B 13 21.25 6.23 3.14
N LYS B 14 22.26 7.05 2.86
CA LYS B 14 23.61 6.54 2.69
C LYS B 14 24.21 6.05 4.00
N GLN B 15 23.76 6.57 5.14
CA GLN B 15 24.18 6.00 6.42
C GLN B 15 23.59 4.62 6.62
N GLN B 16 22.35 4.40 6.16
CA GLN B 16 21.76 3.07 6.18
C GLN B 16 22.44 2.15 5.19
N SER B 17 23.06 2.71 4.15
CA SER B 17 23.71 1.91 3.12
C SER B 17 24.91 1.12 3.65
N VAL B 18 25.52 1.56 4.74
CA VAL B 18 26.72 0.90 5.25
C VAL B 18 26.43 -0.50 5.79
N ILE B 19 25.16 -0.82 6.02
CA ILE B 19 24.81 -2.15 6.53
C ILE B 19 25.18 -3.23 5.50
N SER B 20 24.95 -2.93 4.22
CA SER B 20 25.28 -3.86 3.15
C SER B 20 26.32 -3.25 2.21
N GLN B 21 27.35 -2.64 2.78
CA GLN B 21 28.38 -2.01 1.96
C GLN B 21 29.24 -3.03 1.23
N ARG B 22 29.34 -4.26 1.73
CA ARG B 22 30.16 -5.26 1.05
C ARG B 22 29.61 -5.58 -0.33
N TRP B 23 28.30 -5.75 -0.45
CA TRP B 23 27.68 -6.08 -1.73
C TRP B 23 27.50 -4.87 -2.62
N LEU B 24 27.30 -3.68 -2.05
CA LEU B 24 27.20 -2.48 -2.86
C LEU B 24 28.54 -2.09 -3.47
N ASN B 25 29.63 -2.72 -3.05
CA ASN B 25 30.92 -2.57 -3.72
C ASN B 25 31.15 -3.67 -4.74
N ILE B 26 30.71 -4.90 -4.43
CA ILE B 26 30.76 -5.98 -5.42
C ILE B 26 29.85 -5.65 -6.60
N SER B 27 28.67 -5.08 -6.32
CA SER B 27 27.79 -4.68 -7.40
C SER B 27 28.36 -3.50 -8.18
N ARG B 28 29.16 -2.66 -7.54
CA ARG B 28 29.86 -1.60 -8.26
C ARG B 28 31.04 -2.16 -9.04
N LEU B 29 31.76 -3.13 -8.47
CA LEU B 29 32.87 -3.74 -9.18
C LEU B 29 32.39 -4.50 -10.41
N LEU B 30 31.29 -5.25 -10.27
CA LEU B 30 30.73 -5.97 -11.40
C LEU B 30 30.18 -5.02 -12.46
N GLY B 31 29.86 -3.78 -12.08
CA GLY B 31 29.50 -2.79 -13.07
C GLY B 31 30.68 -2.43 -13.96
N PHE B 32 31.87 -2.36 -13.37
CA PHE B 32 33.08 -2.15 -14.17
C PHE B 32 33.42 -3.39 -14.98
N VAL B 33 33.30 -4.57 -14.39
CA VAL B 33 33.60 -5.81 -15.10
C VAL B 33 32.61 -6.01 -16.24
N SER B 34 31.33 -5.71 -16.03
CA SER B 34 30.37 -5.76 -17.11
C SER B 34 30.62 -4.68 -18.15
N GLY B 35 31.24 -3.57 -17.75
CA GLY B 35 31.64 -2.57 -18.72
C GLY B 35 32.73 -3.07 -19.64
N ILE B 36 33.74 -3.77 -19.09
CA ILE B 36 34.85 -4.25 -19.89
C ILE B 36 34.36 -5.25 -20.94
N LEU B 37 33.45 -6.15 -20.55
CA LEU B 37 32.96 -7.15 -21.49
C LEU B 37 32.21 -6.52 -22.65
N ILE B 38 31.63 -5.33 -22.45
CA ILE B 38 30.95 -4.65 -23.54
C ILE B 38 31.95 -4.21 -24.60
N ILE B 39 33.09 -3.63 -24.18
CA ILE B 39 34.13 -3.30 -25.15
C ILE B 39 34.77 -4.56 -25.71
N ALA B 40 34.94 -5.59 -24.87
CA ALA B 40 35.42 -6.87 -25.38
C ALA B 40 34.48 -7.44 -26.42
N GLN B 41 33.17 -7.33 -26.19
CA GLN B 41 32.18 -7.67 -27.20
C GLN B 41 32.39 -6.86 -28.47
N ALA B 42 32.44 -5.53 -28.34
CA ALA B 42 32.45 -4.66 -29.52
C ALA B 42 33.72 -4.78 -30.32
N TRP B 43 34.82 -5.25 -29.72
CA TRP B 43 36.06 -5.38 -30.47
C TRP B 43 36.10 -6.67 -31.26
N PHE B 44 35.67 -7.78 -30.66
CA PHE B 44 35.67 -9.05 -31.37
C PHE B 44 34.69 -9.02 -32.54
N MET B 45 33.50 -8.46 -32.33
CA MET B 45 32.56 -8.33 -33.44
C MET B 45 33.11 -7.42 -34.54
N ALA B 46 33.79 -6.34 -34.16
CA ALA B 46 34.35 -5.43 -35.16
C ALA B 46 35.50 -6.08 -35.91
N ARG B 47 36.37 -6.81 -35.21
CA ARG B 47 37.49 -7.46 -35.88
C ARG B 47 37.03 -8.60 -36.77
N ILE B 48 36.02 -9.35 -36.33
CA ILE B 48 35.45 -10.41 -37.16
C ILE B 48 34.81 -9.81 -38.41
N LEU B 49 34.04 -8.75 -38.24
CA LEU B 49 33.33 -8.15 -39.38
C LEU B 49 34.30 -7.58 -40.40
N GLN B 50 35.37 -6.92 -39.94
CA GLN B 50 36.33 -6.32 -40.86
C GLN B 50 37.00 -7.39 -41.71
N HIS B 51 37.38 -8.51 -41.10
CA HIS B 51 38.04 -9.58 -41.84
C HIS B 51 37.11 -10.16 -42.91
N MET B 52 35.86 -10.42 -42.53
CA MET B 52 34.90 -11.02 -43.50
C MET B 52 34.57 -10.01 -44.60
N ILE B 53 34.10 -8.83 -44.21
CA ILE B 53 33.70 -7.77 -45.19
C ILE B 53 34.89 -7.27 -46.02
N MET B 54 36.05 -7.06 -45.40
CA MET B 54 37.20 -6.47 -46.13
C MET B 54 38.22 -7.50 -46.64
N GLU B 55 38.66 -8.44 -45.81
CA GLU B 55 39.70 -9.42 -46.24
C GLU B 55 39.07 -10.67 -46.86
N ASN B 56 37.74 -10.74 -46.87
CA ASN B 56 37.03 -11.90 -47.42
C ASN B 56 37.56 -13.21 -46.84
N ILE B 57 37.97 -13.19 -45.59
CA ILE B 57 38.48 -14.42 -44.94
C ILE B 57 37.31 -15.36 -44.68
N PRO B 58 37.43 -16.65 -44.99
CA PRO B 58 36.33 -17.58 -44.71
C PRO B 58 36.06 -17.68 -43.21
N ARG B 59 34.80 -17.97 -42.90
CA ARG B 59 34.37 -18.01 -41.50
C ARG B 59 35.13 -19.08 -40.71
N GLU B 60 35.40 -20.23 -41.34
CA GLU B 60 36.08 -21.31 -40.64
C GLU B 60 37.50 -20.93 -40.25
N ALA B 61 38.17 -20.10 -41.05
CA ALA B 61 39.54 -19.71 -40.75
C ALA B 61 39.63 -18.90 -39.46
N LEU B 62 38.75 -17.92 -39.29
CA LEU B 62 38.78 -17.05 -38.12
C LEU B 62 37.84 -17.58 -37.03
N LEU B 63 38.03 -18.86 -36.71
CA LEU B 63 37.23 -19.49 -35.67
C LEU B 63 37.67 -19.09 -34.27
N LEU B 64 38.93 -18.67 -34.10
CA LEU B 64 39.38 -18.25 -32.78
C LEU B 64 38.63 -17.03 -32.26
N PRO B 65 38.45 -15.95 -33.04
CA PRO B 65 37.61 -14.85 -32.53
C PRO B 65 36.18 -15.27 -32.24
N PHE B 66 35.63 -16.21 -33.02
CA PHE B 66 34.27 -16.67 -32.77
C PHE B 66 34.15 -17.34 -31.40
N THR B 67 35.07 -18.25 -31.08
CA THR B 67 35.02 -18.92 -29.79
C THR B 67 35.39 -18.01 -28.64
N LEU B 68 35.97 -16.84 -28.92
CA LEU B 68 36.20 -15.83 -27.89
C LEU B 68 35.00 -14.91 -27.74
N LEU B 69 34.34 -14.56 -28.84
CA LEU B 69 33.15 -13.73 -28.77
C LEU B 69 32.03 -14.45 -28.02
N VAL B 70 31.87 -15.75 -28.26
CA VAL B 70 30.88 -16.54 -27.54
C VAL B 70 31.19 -16.54 -26.05
N LEU B 71 32.47 -16.64 -25.70
CA LEU B 71 32.87 -16.70 -24.29
C LEU B 71 32.51 -15.41 -23.56
N THR B 72 32.72 -14.25 -24.20
CA THR B 72 32.33 -12.99 -23.58
C THR B 72 30.83 -12.91 -23.38
N PHE B 73 30.06 -13.42 -24.36
CA PHE B 73 28.61 -13.41 -24.23
C PHE B 73 28.15 -14.24 -23.02
N VAL B 74 28.72 -15.43 -22.86
CA VAL B 74 28.43 -16.24 -21.68
C VAL B 74 28.93 -15.55 -20.42
N LEU B 75 30.11 -14.94 -20.50
CA LEU B 75 30.68 -14.25 -19.35
C LEU B 75 30.01 -12.91 -19.07
N ARG B 76 29.33 -12.33 -20.06
CA ARG B 76 28.60 -11.09 -19.84
C ARG B 76 27.19 -11.35 -19.34
N ALA B 77 26.55 -12.42 -19.81
CA ALA B 77 25.28 -12.82 -19.24
C ALA B 77 25.43 -13.34 -17.82
N TRP B 78 26.62 -13.81 -17.46
CA TRP B 78 26.85 -14.28 -16.10
C TRP B 78 26.86 -13.13 -15.11
N VAL B 79 27.58 -12.05 -15.42
CA VAL B 79 27.63 -10.91 -14.50
C VAL B 79 26.28 -10.22 -14.44
N VAL B 80 25.51 -10.25 -15.52
CA VAL B 80 24.15 -9.72 -15.48
C VAL B 80 23.29 -10.56 -14.56
N TRP B 81 23.42 -11.89 -14.64
CA TRP B 81 22.76 -12.75 -13.67
C TRP B 81 23.27 -12.48 -12.26
N LEU B 82 24.56 -12.19 -12.13
CA LEU B 82 25.16 -12.03 -10.80
C LEU B 82 24.90 -10.64 -10.22
N ARG B 83 24.73 -9.63 -11.08
CA ARG B 83 24.57 -8.26 -10.57
C ARG B 83 23.21 -8.07 -9.91
N GLU B 84 22.14 -8.54 -10.53
CA GLU B 84 20.82 -8.41 -9.93
C GLU B 84 20.51 -9.51 -8.93
N ARG B 85 21.51 -10.26 -8.49
CA ARG B 85 21.41 -11.08 -7.29
C ARG B 85 22.21 -10.50 -6.13
N VAL B 86 23.40 -9.97 -6.40
CA VAL B 86 24.12 -9.19 -5.41
C VAL B 86 23.36 -7.90 -5.12
N GLY B 87 22.73 -7.32 -6.14
CA GLY B 87 21.92 -6.13 -5.93
C GLY B 87 20.75 -6.38 -4.99
N TYR B 88 20.04 -7.49 -5.19
CA TYR B 88 18.95 -7.84 -4.29
C TYR B 88 19.47 -8.08 -2.88
N HIS B 89 20.57 -8.84 -2.77
CA HIS B 89 21.13 -9.12 -1.45
C HIS B 89 21.62 -7.85 -0.77
N ALA B 90 22.05 -6.86 -1.55
CA ALA B 90 22.42 -5.57 -0.99
C ALA B 90 21.21 -4.82 -0.45
N GLY B 91 20.07 -4.92 -1.14
CA GLY B 91 18.85 -4.26 -0.71
C GLY B 91 18.02 -5.02 0.28
N GLN B 92 18.30 -6.31 0.49
CA GLN B 92 17.56 -7.08 1.48
C GLN B 92 18.09 -6.87 2.88
N HIS B 93 19.41 -6.85 3.04
CA HIS B 93 20.00 -6.65 4.35
C HIS B 93 19.71 -5.27 4.91
N ILE B 94 19.47 -4.28 4.05
CA ILE B 94 19.01 -2.98 4.53
C ILE B 94 17.61 -3.10 5.11
N ARG B 95 16.70 -3.75 4.38
CA ARG B 95 15.34 -3.91 4.87
C ARG B 95 15.31 -4.78 6.13
N PHE B 96 16.11 -5.84 6.17
CA PHE B 96 16.12 -6.71 7.34
C PHE B 96 16.62 -5.97 8.57
N ALA B 97 17.65 -5.14 8.41
CA ALA B 97 18.22 -4.44 9.57
C ALA B 97 17.31 -3.31 10.03
N ILE B 98 16.76 -2.52 9.10
CA ILE B 98 15.88 -1.42 9.48
C ILE B 98 14.60 -1.97 10.12
N ARG B 99 14.03 -3.01 9.52
CA ARG B 99 12.83 -3.62 10.10
C ARG B 99 13.10 -4.17 11.49
N ARG B 100 14.32 -4.62 11.75
CA ARG B 100 14.67 -5.06 13.10
C ARG B 100 14.88 -3.88 14.03
N GLN B 101 15.45 -2.79 13.52
CA GLN B 101 15.60 -1.59 14.34
C GLN B 101 14.27 -0.91 14.62
N VAL B 102 13.35 -0.93 13.65
CA VAL B 102 12.03 -0.34 13.85
C VAL B 102 11.24 -1.15 14.86
N LEU B 103 11.24 -2.48 14.72
CA LEU B 103 10.53 -3.32 15.67
C LEU B 103 11.16 -3.25 17.05
N ASP B 104 12.49 -3.22 17.12
CA ASP B 104 13.16 -3.11 18.42
C ASP B 104 12.81 -1.81 19.12
N ARG B 105 12.85 -0.70 18.39
CA ARG B 105 12.48 0.59 18.97
C ARG B 105 10.99 0.71 19.24
N LEU B 106 10.17 -0.14 18.63
CA LEU B 106 8.74 -0.15 18.86
C LEU B 106 8.32 -1.12 19.95
N GLN B 107 9.25 -1.93 20.48
CA GLN B 107 8.95 -2.88 21.54
C GLN B 107 9.40 -2.40 22.90
N GLN B 108 10.61 -1.85 23.01
CA GLN B 108 11.09 -1.31 24.27
C GLN B 108 10.63 0.12 24.51
N ALA B 109 9.93 0.72 23.54
CA ALA B 109 9.20 1.95 23.80
C ALA B 109 7.93 1.68 24.60
N GLY B 110 7.54 0.42 24.75
CA GLY B 110 6.40 0.05 25.55
C GLY B 110 5.10 0.14 24.77
N PRO B 111 4.07 -0.54 25.26
CA PRO B 111 2.74 -0.40 24.66
C PRO B 111 2.08 0.93 24.94
N ALA B 112 2.67 1.78 25.76
CA ALA B 112 2.10 3.10 26.01
C ALA B 112 2.19 3.99 24.77
N TRP B 113 3.25 3.87 23.99
CA TRP B 113 3.42 4.67 22.79
C TRP B 113 2.66 4.12 21.60
N ILE B 114 2.49 2.80 21.52
CA ILE B 114 1.82 2.20 20.37
C ILE B 114 0.36 2.62 20.29
N GLN B 115 -0.26 2.89 21.44
CA GLN B 115 -1.65 3.36 21.43
C GLN B 115 -1.79 4.72 20.76
N GLY B 116 -0.71 5.49 20.67
CA GLY B 116 -0.80 6.82 20.09
C GLY B 116 -1.18 6.81 18.62
N LYS B 117 -0.86 5.73 17.91
CA LYS B 117 -1.14 5.66 16.49
C LYS B 117 -1.85 4.35 16.18
N PRO B 118 -2.81 4.35 15.24
CA PRO B 118 -3.52 3.11 14.92
C PRO B 118 -2.56 2.03 14.43
N ALA B 119 -2.86 0.79 14.81
CA ALA B 119 -1.99 -0.33 14.45
C ALA B 119 -1.96 -0.58 12.95
N GLY B 120 -2.97 -0.12 12.21
CA GLY B 120 -2.92 -0.24 10.77
C GLY B 120 -1.81 0.59 10.15
N SER B 121 -1.58 1.78 10.69
CA SER B 121 -0.52 2.65 10.19
C SER B 121 0.84 2.33 10.79
N TRP B 122 0.90 1.55 11.87
CA TRP B 122 2.17 0.93 12.25
C TRP B 122 2.55 -0.16 11.27
N ALA B 123 1.60 -1.02 10.91
CA ALA B 123 1.85 -2.04 9.90
C ALA B 123 2.04 -1.45 8.51
N THR B 124 1.59 -0.22 8.28
CA THR B 124 1.89 0.46 7.03
C THR B 124 3.33 0.96 6.99
N LEU B 125 3.93 1.21 8.14
CA LEU B 125 5.32 1.65 8.21
C LEU B 125 6.30 0.49 8.18
N VAL B 126 5.92 -0.66 8.73
CA VAL B 126 6.82 -1.82 8.76
C VAL B 126 6.71 -2.69 7.51
N LEU B 127 5.60 -2.60 6.79
CA LEU B 127 5.38 -3.42 5.60
C LEU B 127 5.73 -2.68 4.32
N GLU B 128 5.13 -1.51 4.10
CA GLU B 128 5.29 -0.80 2.83
C GLU B 128 6.41 0.23 2.86
N GLN B 129 6.61 0.93 3.98
CA GLN B 129 7.61 1.99 4.01
C GLN B 129 9.03 1.46 4.12
N ILE B 130 9.21 0.18 4.44
CA ILE B 130 10.53 -0.42 4.43
C ILE B 130 10.76 -1.27 3.17
N ASP B 131 9.70 -1.82 2.58
CA ASP B 131 9.84 -2.50 1.30
C ASP B 131 9.99 -1.51 0.15
N ASP B 132 9.56 -0.26 0.34
CA ASP B 132 9.77 0.76 -0.68
C ASP B 132 11.22 1.19 -0.78
N MET B 133 12.03 0.90 0.24
CA MET B 133 13.44 1.21 0.25
C MET B 133 14.29 0.14 -0.43
N HIS B 134 13.70 -0.70 -1.27
CA HIS B 134 14.45 -1.79 -1.88
C HIS B 134 15.09 -1.38 -3.19
N ASP B 135 14.29 -0.93 -4.16
CA ASP B 135 14.79 -0.63 -5.48
C ASP B 135 15.80 0.50 -5.50
N TYR B 136 15.85 1.33 -4.45
CA TYR B 136 16.89 2.35 -4.36
C TYR B 136 18.24 1.71 -4.09
N TYR B 137 18.31 0.81 -3.11
CA TYR B 137 19.57 0.13 -2.81
C TYR B 137 19.84 -1.03 -3.75
N ALA B 138 18.80 -1.73 -4.20
CA ALA B 138 18.98 -2.91 -5.02
C ALA B 138 19.14 -2.60 -6.50
N ARG B 139 18.46 -1.57 -7.01
CA ARG B 139 18.46 -1.28 -8.43
C ARG B 139 19.02 0.09 -8.77
N TYR B 140 18.62 1.13 -8.02
CA TYR B 140 18.98 2.48 -8.41
C TYR B 140 20.46 2.75 -8.20
N LEU B 141 20.96 2.52 -6.98
CA LEU B 141 22.38 2.73 -6.71
C LEU B 141 23.29 1.83 -7.55
N PRO B 142 23.02 0.52 -7.70
CA PRO B 142 23.87 -0.28 -8.59
C PRO B 142 23.77 0.13 -10.05
N GLN B 143 22.84 1.02 -10.36
CA GLN B 143 22.69 1.59 -11.70
C GLN B 143 23.31 2.97 -11.83
N MET B 144 23.20 3.81 -10.80
CA MET B 144 23.87 5.10 -10.82
C MET B 144 25.39 4.94 -10.77
N ALA B 145 25.88 3.82 -10.24
CA ALA B 145 27.29 3.48 -10.32
C ALA B 145 27.65 2.81 -11.63
N LEU B 146 26.65 2.49 -12.46
CA LEU B 146 26.87 2.01 -13.82
C LEU B 146 26.74 3.12 -14.85
N ALA B 147 26.05 4.21 -14.52
CA ALA B 147 25.90 5.35 -15.41
C ALA B 147 27.09 6.30 -15.37
N VAL B 148 27.96 6.17 -14.38
CA VAL B 148 29.15 7.00 -14.31
C VAL B 148 30.42 6.24 -14.69
N SER B 149 30.37 4.92 -14.71
CA SER B 149 31.55 4.10 -15.01
C SER B 149 31.52 3.56 -16.44
N VAL B 150 30.46 2.82 -16.79
CA VAL B 150 30.44 2.13 -18.09
C VAL B 150 30.57 3.10 -19.26
N PRO B 151 29.77 4.17 -19.37
CA PRO B 151 29.93 5.07 -20.53
C PRO B 151 31.32 5.69 -20.63
N LEU B 152 32.05 5.79 -19.52
CA LEU B 152 33.41 6.30 -19.57
C LEU B 152 34.39 5.29 -20.17
N LEU B 153 34.13 3.99 -19.99
CA LEU B 153 34.99 2.98 -20.61
C LEU B 153 34.94 3.05 -22.14
N ILE B 154 33.74 3.26 -22.71
CA ILE B 154 33.64 3.37 -24.16
C ILE B 154 34.50 4.51 -24.68
N VAL B 155 34.41 5.68 -24.05
CA VAL B 155 35.23 6.82 -24.49
C VAL B 155 36.70 6.49 -24.33
N VAL B 156 37.07 5.80 -23.25
CA VAL B 156 38.44 5.40 -23.04
C VAL B 156 38.87 4.34 -24.04
N ALA B 157 37.92 3.57 -24.59
CA ALA B 157 38.25 2.48 -25.51
C ALA B 157 38.22 2.89 -26.98
N ILE B 158 37.60 4.01 -27.33
CA ILE B 158 37.57 4.47 -28.71
C ILE B 158 38.64 5.54 -28.91
N PHE B 159 39.02 6.21 -27.84
CA PHE B 159 40.02 7.26 -27.93
C PHE B 159 41.33 6.77 -28.55
N PRO B 160 41.88 5.61 -28.20
CA PRO B 160 43.05 5.11 -28.95
C PRO B 160 42.78 4.92 -30.43
N SER B 161 41.56 4.53 -30.80
CA SER B 161 41.23 4.24 -32.20
C SER B 161 40.88 5.49 -32.99
N ASN B 162 40.10 6.40 -32.42
CA ASN B 162 39.64 7.58 -33.15
C ASN B 162 39.20 8.63 -32.16
N TRP B 163 39.87 9.77 -32.13
CA TRP B 163 39.48 10.83 -31.21
C TRP B 163 38.25 11.60 -31.68
N ALA B 164 37.92 11.53 -32.97
CA ALA B 164 36.71 12.19 -33.45
C ALA B 164 35.46 11.48 -32.95
N ALA B 165 35.45 10.15 -33.01
CA ALA B 165 34.32 9.40 -32.48
C ALA B 165 34.24 9.49 -30.98
N ALA B 166 35.38 9.59 -30.30
CA ALA B 166 35.38 9.73 -28.86
C ALA B 166 34.76 11.05 -28.42
N LEU B 167 34.98 12.13 -29.18
CA LEU B 167 34.38 13.41 -28.84
C LEU B 167 32.90 13.47 -29.17
N ILE B 168 32.46 12.75 -30.21
CA ILE B 168 31.04 12.74 -30.55
C ILE B 168 30.23 12.17 -29.40
N LEU B 169 30.68 11.04 -28.84
CA LEU B 169 30.03 10.49 -27.66
C LEU B 169 30.22 11.40 -26.45
N LEU B 170 31.42 11.94 -26.28
CA LEU B 170 31.70 12.81 -25.14
C LEU B 170 31.14 14.21 -25.30
N GLY B 171 30.86 14.64 -26.53
CA GLY B 171 30.26 15.94 -26.73
C GLY B 171 28.88 16.06 -26.12
N THR B 172 28.13 14.97 -26.11
CA THR B 172 26.81 14.94 -25.49
C THR B 172 26.86 14.68 -24.00
N ALA B 173 28.04 14.36 -23.46
CA ALA B 173 28.16 14.16 -22.02
C ALA B 173 27.82 15.41 -21.22
N PRO B 174 28.28 16.63 -21.56
CA PRO B 174 27.83 17.81 -20.81
C PRO B 174 26.50 18.35 -21.32
N LEU B 175 26.20 18.09 -22.59
CA LEU B 175 25.00 18.67 -23.19
C LEU B 175 23.72 18.08 -22.63
N ILE B 176 23.72 16.77 -22.33
CA ILE B 176 22.51 16.15 -21.79
C ILE B 176 22.09 16.76 -20.46
N PRO B 177 22.94 16.83 -19.43
CA PRO B 177 22.48 17.43 -18.17
C PRO B 177 22.06 18.88 -18.29
N LEU B 178 22.71 19.65 -19.16
CA LEU B 178 22.34 21.05 -19.34
C LEU B 178 20.91 21.17 -19.87
N PHE B 179 20.55 20.34 -20.86
CA PHE B 179 19.24 20.45 -21.45
C PHE B 179 18.14 19.92 -20.53
N MET B 180 18.43 18.89 -19.72
CA MET B 180 17.46 18.43 -18.74
C MET B 180 17.17 19.53 -17.71
N ALA B 181 18.22 20.25 -17.29
CA ALA B 181 18.02 21.37 -16.38
C ALA B 181 17.35 22.55 -17.07
N LEU B 182 17.51 22.71 -18.38
CA LEU B 182 16.84 23.78 -19.10
C LEU B 182 15.36 23.50 -19.28
N VAL B 183 14.97 22.24 -19.40
CA VAL B 183 13.55 21.88 -19.44
C VAL B 183 13.01 21.62 -18.05
N GLY B 184 13.87 21.40 -17.06
CA GLY B 184 13.42 21.20 -15.69
C GLY B 184 12.93 22.44 -15.00
N MET B 185 13.31 23.62 -15.48
CA MET B 185 12.81 24.86 -14.90
C MET B 185 11.40 25.18 -15.35
N GLY B 186 10.89 24.50 -16.37
CA GLY B 186 9.50 24.64 -16.76
C GLY B 186 8.67 23.48 -16.26
N ALA B 187 9.26 22.29 -16.23
CA ALA B 187 8.55 21.12 -15.70
C ALA B 187 8.29 21.27 -14.21
N ALA B 188 9.28 21.74 -13.45
CA ALA B 188 9.10 21.94 -12.02
C ALA B 188 8.26 23.16 -11.69
N ASP B 189 7.96 24.02 -12.67
CA ASP B 189 7.03 25.11 -12.46
C ASP B 189 5.59 24.61 -12.59
N ALA B 190 5.29 23.90 -13.67
CA ALA B 190 3.97 23.31 -13.83
C ALA B 190 3.70 22.26 -12.76
N ASN B 191 4.71 21.46 -12.41
CA ASN B 191 4.56 20.49 -11.33
C ASN B 191 4.36 21.15 -9.98
N ARG B 192 4.69 22.44 -9.86
CA ARG B 192 4.37 23.22 -8.67
C ARG B 192 3.02 23.91 -8.77
N ARG B 193 2.66 24.38 -9.97
CA ARG B 193 1.32 24.96 -10.16
C ARG B 193 0.24 23.92 -9.92
N ASN B 194 0.48 22.70 -10.38
CA ASN B 194 -0.51 21.59 -10.21
C ASN B 194 -0.23 20.81 -8.93
N PHE B 195 0.77 21.20 -8.15
CA PHE B 195 1.08 20.46 -6.94
C PHE B 195 -0.09 20.50 -5.95
N LEU B 196 -0.72 21.65 -5.80
CA LEU B 196 -1.86 21.77 -4.89
C LEU B 196 -3.03 20.92 -5.37
N ALA B 197 -3.33 20.96 -6.67
CA ALA B 197 -4.51 20.28 -7.18
C ALA B 197 -4.34 18.77 -7.18
N LEU B 198 -3.27 18.27 -7.82
CA LEU B 198 -3.11 16.82 -7.99
C LEU B 198 -3.05 16.10 -6.65
N ALA B 199 -2.34 16.65 -5.66
CA ALA B 199 -2.34 16.04 -4.34
C ALA B 199 -3.74 16.06 -3.73
N ARG B 200 -4.47 17.15 -3.92
CA ARG B 200 -5.84 17.28 -3.44
C ARG B 200 -6.82 16.44 -4.24
N LEU B 201 -6.48 16.07 -5.48
CA LEU B 201 -7.42 15.43 -6.38
C LEU B 201 -7.04 13.99 -6.73
N SER B 202 -5.92 13.50 -6.22
CA SER B 202 -5.56 12.10 -6.43
C SER B 202 -6.26 11.17 -5.45
N GLY B 203 -6.46 11.62 -4.21
CA GLY B 203 -7.16 10.83 -3.22
C GLY B 203 -8.66 11.00 -3.28
N HIS B 204 -9.17 11.33 -4.46
CA HIS B 204 -10.61 11.56 -4.63
C HIS B 204 -11.36 10.24 -4.73
N PHE B 205 -10.88 9.32 -5.58
CA PHE B 205 -11.56 8.05 -5.75
C PHE B 205 -11.58 7.25 -4.47
N LEU B 206 -10.46 7.23 -3.74
CA LEU B 206 -10.42 6.50 -2.48
C LEU B 206 -11.42 7.05 -1.49
N ASP B 207 -11.54 8.37 -1.41
CA ASP B 207 -12.47 8.97 -0.44
C ASP B 207 -13.91 8.62 -0.78
N ARG B 208 -14.29 8.71 -2.06
CA ARG B 208 -15.62 8.26 -2.46
C ARG B 208 -15.79 6.78 -2.21
N LEU B 209 -14.78 5.98 -2.51
CA LEU B 209 -14.84 4.55 -2.27
C LEU B 209 -14.86 4.24 -0.78
N ARG B 210 -14.23 5.07 0.04
CA ARG B 210 -14.17 4.84 1.48
C ARG B 210 -15.45 5.26 2.19
N GLY B 211 -16.22 6.18 1.61
CA GLY B 211 -17.46 6.62 2.22
C GLY B 211 -18.69 6.23 1.44
N MET B 212 -18.71 5.00 0.92
CA MET B 212 -19.88 4.54 0.16
C MET B 212 -21.11 4.45 1.04
N GLU B 213 -20.94 4.07 2.31
CA GLU B 213 -22.10 3.95 3.20
C GLU B 213 -22.81 5.29 3.37
N THR B 214 -22.05 6.36 3.59
CA THR B 214 -22.64 7.69 3.65
C THR B 214 -23.15 8.15 2.29
N LEU B 215 -22.64 7.57 1.21
CA LEU B 215 -22.98 7.99 -0.14
C LEU B 215 -24.21 7.28 -0.69
N ARG B 216 -24.60 6.14 -0.12
CA ARG B 216 -25.78 5.42 -0.57
C ARG B 216 -27.01 5.71 0.28
N ILE B 217 -26.82 6.14 1.54
CA ILE B 217 -27.95 6.47 2.39
C ILE B 217 -28.70 7.68 1.86
N PHE B 218 -27.97 8.71 1.43
CA PHE B 218 -28.57 9.93 0.93
C PHE B 218 -28.96 9.84 -0.53
N GLY B 219 -28.83 8.68 -1.16
CA GLY B 219 -29.22 8.51 -2.54
C GLY B 219 -28.27 9.10 -3.56
N ARG B 220 -27.07 9.51 -3.14
CA ARG B 220 -26.07 10.06 -4.05
C ARG B 220 -25.25 8.99 -4.74
N GLY B 221 -25.73 7.75 -4.76
CA GLY B 221 -24.94 6.67 -5.34
C GLY B 221 -24.69 6.86 -6.82
N GLU B 222 -25.73 7.20 -7.58
CA GLU B 222 -25.61 7.38 -9.01
C GLU B 222 -25.25 8.80 -9.40
N ALA B 223 -25.04 9.69 -8.44
CA ALA B 223 -24.63 11.05 -8.71
C ALA B 223 -23.16 11.31 -8.41
N GLU B 224 -22.47 10.35 -7.78
CA GLU B 224 -21.04 10.49 -7.54
C GLU B 224 -20.20 9.88 -8.66
N ILE B 225 -20.79 8.99 -9.47
CA ILE B 225 -20.10 8.51 -10.66
C ILE B 225 -19.86 9.67 -11.62
N GLU B 226 -20.80 10.60 -11.70
CA GLU B 226 -20.59 11.83 -12.45
C GLU B 226 -19.57 12.74 -11.81
N SER B 227 -19.21 12.49 -10.54
CA SER B 227 -18.15 13.23 -9.87
C SER B 227 -16.84 12.46 -9.79
N ILE B 228 -16.86 11.16 -10.06
CA ILE B 228 -15.63 10.42 -10.26
C ILE B 228 -15.15 10.56 -11.70
N ARG B 229 -16.08 10.60 -12.66
CA ARG B 229 -15.72 10.87 -14.04
C ARG B 229 -15.16 12.27 -14.20
N SER B 230 -15.76 13.25 -13.52
CA SER B 230 -15.33 14.63 -13.64
C SER B 230 -14.10 14.96 -12.80
N ALA B 231 -13.74 14.12 -11.82
CA ALA B 231 -12.51 14.28 -11.09
C ALA B 231 -11.39 13.38 -11.63
N SER B 232 -11.69 12.56 -12.62
CA SER B 232 -10.69 11.79 -13.34
C SER B 232 -10.50 12.28 -14.77
N GLU B 233 -11.48 13.00 -15.32
CA GLU B 233 -11.30 13.69 -16.59
C GLU B 233 -10.50 14.97 -16.42
N ASP B 234 -10.37 15.46 -15.21
CA ASP B 234 -9.49 16.59 -14.89
C ASP B 234 -8.11 16.13 -14.42
N PHE B 235 -8.04 14.99 -13.74
CA PHE B 235 -6.75 14.44 -13.34
C PHE B 235 -5.89 14.15 -14.56
N ARG B 236 -6.50 13.67 -15.65
CA ARG B 236 -5.75 13.38 -16.86
C ARG B 236 -5.21 14.65 -17.49
N GLN B 237 -6.10 15.57 -17.87
CA GLN B 237 -5.70 16.77 -18.59
C GLN B 237 -4.86 17.71 -17.73
N ARG B 238 -4.81 17.51 -16.42
CA ARG B 238 -3.94 18.29 -15.56
C ARG B 238 -2.57 17.64 -15.34
N THR B 239 -2.50 16.31 -15.38
CA THR B 239 -1.22 15.63 -15.33
C THR B 239 -0.64 15.35 -16.71
N MET B 240 -1.40 15.62 -17.77
CA MET B 240 -0.88 15.52 -19.13
C MET B 240 -0.17 16.78 -19.57
N GLU B 241 -0.15 17.81 -18.73
CA GLU B 241 0.70 18.97 -18.93
C GLU B 241 2.00 18.88 -18.16
N VAL B 242 1.99 18.19 -17.00
CA VAL B 242 3.23 17.88 -16.32
C VAL B 242 4.00 16.83 -17.09
N LEU B 243 3.30 15.83 -17.63
CA LEU B 243 3.96 14.79 -18.41
C LEU B 243 4.49 15.33 -19.72
N ARG B 244 3.74 16.25 -20.35
CA ARG B 244 4.13 16.78 -21.65
C ARG B 244 5.51 17.42 -21.62
N LEU B 245 5.89 17.98 -20.48
CA LEU B 245 7.24 18.52 -20.30
C LEU B 245 8.18 17.54 -19.60
N ALA B 246 7.64 16.58 -18.86
CA ALA B 246 8.49 15.58 -18.21
C ALA B 246 9.00 14.54 -19.19
N PHE B 247 8.34 14.38 -20.33
CA PHE B 247 8.79 13.46 -21.37
C PHE B 247 9.75 14.10 -22.33
N LEU B 248 9.93 15.42 -22.26
CA LEU B 248 11.02 16.05 -23.01
C LEU B 248 12.35 15.81 -22.36
N SER B 249 12.39 15.67 -21.03
CA SER B 249 13.63 15.34 -20.33
C SER B 249 14.16 13.98 -20.76
N SER B 250 13.31 13.12 -21.30
CA SER B 250 13.74 11.84 -21.85
C SER B 250 13.87 11.87 -23.37
N GLY B 251 13.12 12.75 -24.03
CA GLY B 251 13.30 12.93 -25.47
C GLY B 251 14.65 13.52 -25.82
N ILE B 252 15.19 14.36 -24.93
CA ILE B 252 16.48 14.99 -25.15
C ILE B 252 17.59 14.03 -24.72
N LEU B 253 17.21 12.82 -24.34
CA LEU B 253 18.14 11.71 -24.25
C LEU B 253 18.02 10.76 -25.42
N GLU B 254 16.82 10.61 -25.98
CA GLU B 254 16.66 9.94 -27.26
C GLU B 254 17.09 10.81 -28.42
N PHE B 255 17.15 12.13 -28.22
CA PHE B 255 17.66 13.01 -29.27
C PHE B 255 19.17 12.89 -29.42
N PHE B 256 19.88 12.74 -28.30
CA PHE B 256 21.33 12.66 -28.33
C PHE B 256 21.84 11.23 -28.56
N THR B 257 21.04 10.21 -28.25
CA THR B 257 21.44 8.86 -28.60
C THR B 257 21.14 8.53 -30.06
N SER B 258 20.45 9.41 -30.77
CA SER B 258 20.23 9.29 -32.20
C SER B 258 21.12 10.21 -33.00
N LEU B 259 21.36 11.43 -32.50
CA LEU B 259 22.33 12.31 -33.12
C LEU B 259 23.74 11.76 -33.02
N SER B 260 24.05 11.04 -31.94
CA SER B 260 25.38 10.47 -31.76
C SER B 260 25.61 9.20 -32.55
N ILE B 261 24.56 8.50 -32.96
CA ILE B 261 24.73 7.38 -33.86
C ILE B 261 24.69 7.82 -35.32
N ALA B 262 23.87 8.82 -35.64
CA ALA B 262 23.89 9.38 -36.99
C ALA B 262 25.24 10.01 -37.29
N LEU B 263 25.78 10.78 -36.34
CA LEU B 263 27.07 11.42 -36.56
C LEU B 263 28.18 10.39 -36.71
N VAL B 264 28.18 9.37 -35.85
CA VAL B 264 29.19 8.32 -35.96
C VAL B 264 29.07 7.59 -37.29
N ALA B 265 27.84 7.36 -37.75
CA ALA B 265 27.66 6.69 -39.03
C ALA B 265 28.04 7.60 -40.20
N VAL B 266 27.63 8.87 -40.14
CA VAL B 266 27.93 9.79 -41.23
C VAL B 266 29.41 10.14 -41.26
N TYR B 267 30.00 10.44 -40.10
CA TYR B 267 31.41 10.79 -40.07
C TYR B 267 32.29 9.64 -40.54
N PHE B 268 32.10 8.46 -39.95
CA PHE B 268 32.89 7.30 -40.37
C PHE B 268 32.58 6.92 -41.81
N GLY B 269 31.30 6.98 -42.20
CA GLY B 269 30.93 6.65 -43.56
C GLY B 269 31.59 7.57 -44.58
N PHE B 270 31.64 8.87 -44.28
CA PHE B 270 32.32 9.81 -45.17
C PHE B 270 33.83 9.70 -45.05
N SER B 271 34.34 9.30 -43.89
CA SER B 271 35.78 9.19 -43.70
C SER B 271 36.38 8.13 -44.63
N TYR B 272 35.68 7.01 -44.81
CA TYR B 272 36.17 5.99 -45.73
C TYR B 272 36.19 6.50 -47.16
N LEU B 273 35.19 7.29 -47.55
CA LEU B 273 35.14 7.85 -48.89
C LEU B 273 36.20 8.92 -49.12
N GLY B 274 36.82 9.42 -48.06
CA GLY B 274 37.82 10.46 -48.17
C GLY B 274 37.33 11.87 -47.98
N GLU B 275 36.12 12.05 -47.45
CA GLU B 275 35.58 13.40 -47.25
C GLU B 275 36.18 14.05 -46.01
N LEU B 276 35.99 13.43 -44.84
CA LEU B 276 36.38 14.01 -43.56
C LEU B 276 37.67 13.35 -43.10
N ASP B 277 38.81 13.91 -43.50
CA ASP B 277 40.11 13.40 -43.10
C ASP B 277 40.66 14.21 -41.93
N PHE B 278 40.01 14.07 -40.78
CA PHE B 278 40.44 14.79 -39.59
C PHE B 278 40.39 14.00 -38.30
N GLY B 279 39.99 12.73 -38.30
CA GLY B 279 39.75 12.04 -37.05
C GLY B 279 40.82 11.07 -36.59
N HIS B 280 41.34 10.28 -37.52
CA HIS B 280 42.33 9.21 -37.19
C HIS B 280 43.72 9.80 -36.91
N TYR B 281 44.57 9.00 -36.27
CA TYR B 281 45.95 9.38 -35.95
C TYR B 281 46.88 9.05 -37.12
N ASP B 282 46.62 9.73 -38.24
CA ASP B 282 47.38 9.61 -39.49
C ASP B 282 47.79 8.17 -39.81
N THR B 283 46.87 7.22 -39.59
CA THR B 283 47.12 5.82 -39.90
C THR B 283 45.99 5.21 -40.71
N GLY B 284 45.15 6.03 -41.33
CA GLY B 284 43.98 5.55 -42.03
C GLY B 284 42.88 5.10 -41.09
N VAL B 285 41.63 5.15 -41.54
CA VAL B 285 40.48 4.76 -40.73
C VAL B 285 40.10 3.35 -41.13
N THR B 286 40.40 2.38 -40.27
CA THR B 286 40.05 1.00 -40.55
C THR B 286 38.55 0.79 -40.36
N LEU B 287 38.02 -0.21 -41.06
CA LEU B 287 36.60 -0.53 -40.94
C LEU B 287 36.27 -0.99 -39.52
N ALA B 288 37.14 -1.80 -38.92
CA ALA B 288 36.89 -2.28 -37.56
C ALA B 288 36.85 -1.15 -36.54
N ALA B 289 37.52 -0.02 -36.82
CA ALA B 289 37.43 1.13 -35.94
C ALA B 289 36.09 1.83 -36.06
N GLY B 290 35.34 1.58 -37.13
CA GLY B 290 34.01 2.16 -37.29
C GLY B 290 32.94 1.32 -36.63
N PHE B 291 33.04 0.00 -36.79
CA PHE B 291 32.08 -0.88 -36.14
C PHE B 291 32.22 -0.86 -34.63
N LEU B 292 33.45 -0.71 -34.13
CA LEU B 292 33.65 -0.61 -32.69
C LEU B 292 32.95 0.63 -32.13
N ALA B 293 33.00 1.74 -32.86
CA ALA B 293 32.28 2.93 -32.44
C ALA B 293 30.78 2.79 -32.65
N LEU B 294 30.37 2.05 -33.68
CA LEU B 294 28.95 1.92 -33.97
C LEU B 294 28.26 1.00 -32.98
N ILE B 295 28.90 -0.11 -32.62
CA ILE B 295 28.31 -1.03 -31.64
C ILE B 295 28.25 -0.38 -30.28
N LEU B 296 29.27 0.41 -29.93
CA LEU B 296 29.34 1.06 -28.62
C LEU B 296 28.55 2.35 -28.56
N ALA B 297 28.10 2.88 -29.70
CA ALA B 297 27.31 4.11 -29.66
C ALA B 297 26.01 3.96 -28.86
N PRO B 298 25.20 2.90 -29.00
CA PRO B 298 24.02 2.77 -28.13
C PRO B 298 24.38 2.35 -26.72
N GLU B 299 25.47 1.58 -26.57
CA GLU B 299 25.89 1.14 -25.25
C GLU B 299 26.36 2.29 -24.36
N PHE B 300 26.79 3.40 -24.97
CA PHE B 300 27.17 4.56 -24.18
C PHE B 300 25.97 5.15 -23.44
N PHE B 301 24.82 5.23 -24.12
CA PHE B 301 23.62 5.85 -23.53
C PHE B 301 22.69 4.83 -22.87
N GLN B 302 23.00 3.53 -22.96
CA GLN B 302 22.11 2.52 -22.34
C GLN B 302 22.06 2.73 -20.84
N PRO B 303 23.20 2.95 -20.15
CA PRO B 303 23.21 3.18 -18.70
C PRO B 303 22.46 4.45 -18.28
N LEU B 304 22.60 5.52 -19.06
CA LEU B 304 21.93 6.81 -18.74
C LEU B 304 20.42 6.68 -18.98
N ARG B 305 20.01 5.77 -19.87
CA ARG B 305 18.59 5.55 -20.15
C ARG B 305 17.94 4.73 -19.05
N ASP B 306 18.59 3.63 -18.65
CA ASP B 306 18.03 2.77 -17.61
C ASP B 306 17.99 3.48 -16.27
N LEU B 307 18.96 4.36 -15.99
CA LEU B 307 18.92 5.17 -14.78
C LEU B 307 17.69 6.06 -14.73
N GLY B 308 17.17 6.47 -15.88
CA GLY B 308 15.96 7.26 -15.90
C GLY B 308 14.76 6.50 -15.37
N THR B 309 14.68 5.20 -15.69
CA THR B 309 13.57 4.40 -15.21
C THR B 309 13.62 4.20 -13.69
N PHE B 310 14.79 3.85 -13.17
CA PHE B 310 14.94 3.68 -11.71
C PHE B 310 15.08 4.99 -10.97
N TYR B 311 14.99 6.16 -11.60
CA TYR B 311 15.18 7.40 -10.84
C TYR B 311 13.98 7.69 -9.94
N HIS B 312 12.80 7.20 -10.29
CA HIS B 312 11.65 7.36 -9.42
C HIS B 312 11.85 6.66 -8.09
N ALA B 313 12.72 5.65 -8.06
CA ALA B 313 13.00 4.90 -6.84
C ALA B 313 13.88 5.66 -5.86
N LYS B 314 14.30 6.88 -6.19
CA LYS B 314 15.06 7.69 -5.25
C LYS B 314 14.14 8.52 -4.36
N ALA B 315 13.12 9.16 -4.95
CA ALA B 315 12.14 9.88 -4.16
C ALA B 315 11.23 8.92 -3.40
N GLN B 316 10.97 7.74 -3.97
CA GLN B 316 10.20 6.73 -3.26
C GLN B 316 10.90 6.26 -1.99
N ALA B 317 12.22 6.15 -2.03
CA ALA B 317 13.00 5.82 -0.85
C ALA B 317 13.32 7.04 0.01
N VAL B 318 12.92 8.23 -0.43
CA VAL B 318 13.00 9.44 0.38
C VAL B 318 11.65 9.80 0.95
N GLY B 319 10.59 9.72 0.14
CA GLY B 319 9.25 9.89 0.65
C GLY B 319 8.88 8.87 1.71
N ALA B 320 9.55 7.71 1.69
CA ALA B 320 9.41 6.71 2.73
C ALA B 320 10.58 6.73 3.71
N ALA B 321 11.38 7.79 3.68
CA ALA B 321 12.50 7.96 4.61
C ALA B 321 12.23 8.96 5.70
N ASP B 322 11.47 10.02 5.42
CA ASP B 322 11.07 10.95 6.47
C ASP B 322 10.16 10.32 7.48
N SER B 323 9.45 9.25 7.10
CA SER B 323 8.63 8.51 8.07
C SER B 323 9.49 7.63 8.97
N LEU B 324 10.60 7.11 8.46
CA LEU B 324 11.46 6.22 9.23
C LEU B 324 12.55 6.96 9.99
N LYS B 325 13.10 8.03 9.42
CA LYS B 325 14.11 8.81 10.15
C LYS B 325 13.50 9.49 11.36
N THR B 326 12.39 10.19 11.18
CA THR B 326 11.72 10.83 12.32
C THR B 326 11.20 9.82 13.32
N PHE B 327 10.96 8.58 12.90
CA PHE B 327 10.59 7.53 13.84
C PHE B 327 11.73 7.24 14.80
N MET B 328 12.97 7.18 14.29
CA MET B 328 14.14 6.87 15.10
C MET B 328 14.88 8.13 15.56
N GLU B 329 14.25 9.30 15.45
CA GLU B 329 14.76 10.51 16.06
C GLU B 329 13.88 11.07 17.16
N THR B 330 12.77 10.41 17.46
CA THR B 330 11.91 10.84 18.56
C THR B 330 12.66 10.73 19.88
N PRO B 331 12.45 11.67 20.80
CA PRO B 331 13.18 11.66 22.07
C PRO B 331 12.48 10.83 23.14
N LEU B 332 11.57 9.95 22.72
CA LEU B 332 10.72 9.21 23.65
C LEU B 332 11.54 8.58 24.78
N ALA B 333 10.92 8.52 25.96
CA ALA B 333 11.59 8.13 27.19
C ALA B 333 11.31 6.66 27.49
N HIS B 334 12.39 5.89 27.64
CA HIS B 334 12.27 4.48 27.99
C HIS B 334 11.89 4.34 29.47
N PRO B 335 11.37 3.17 29.86
CA PRO B 335 10.98 2.96 31.26
C PRO B 335 12.15 2.76 32.23
N GLN B 336 13.39 3.05 31.81
CA GLN B 336 14.56 2.98 32.67
C GLN B 336 14.73 1.56 33.24
N ARG B 337 15.03 0.65 32.33
CA ARG B 337 15.22 -0.75 32.68
C ARG B 337 16.37 -0.93 33.68
N GLY B 338 16.21 -1.90 34.57
CA GLY B 338 17.22 -2.21 35.56
C GLY B 338 17.17 -3.68 35.90
N GLU B 339 18.05 -4.08 36.81
CA GLU B 339 18.12 -5.47 37.24
C GLU B 339 17.89 -5.57 38.74
N ALA B 340 16.95 -6.42 39.13
CA ALA B 340 16.67 -6.74 40.53
C ALA B 340 15.80 -7.99 40.55
N GLU B 341 15.39 -8.41 41.74
CA GLU B 341 14.62 -9.64 41.87
C GLU B 341 13.63 -9.54 43.01
N LEU B 342 12.58 -10.35 42.92
CA LEU B 342 11.61 -10.55 44.01
C LEU B 342 11.67 -12.02 44.39
N ALA B 343 12.21 -12.31 45.57
CA ALA B 343 12.39 -13.70 45.98
C ALA B 343 11.06 -14.35 46.33
N SER B 344 10.20 -13.65 47.05
CA SER B 344 8.96 -14.21 47.57
C SER B 344 7.85 -14.05 46.54
N THR B 345 7.19 -15.16 46.21
CA THR B 345 6.00 -15.12 45.36
C THR B 345 4.78 -14.61 46.10
N ASP B 346 4.89 -14.39 47.41
CA ASP B 346 3.78 -13.88 48.21
C ASP B 346 3.43 -12.46 47.78
N PRO B 347 2.21 -12.02 48.09
CA PRO B 347 1.78 -10.68 47.66
C PRO B 347 2.75 -9.59 48.10
N VAL B 348 2.99 -8.64 47.20
CA VAL B 348 3.95 -7.56 47.43
C VAL B 348 3.24 -6.37 48.05
N THR B 349 4.00 -5.60 48.83
CA THR B 349 3.49 -4.42 49.53
C THR B 349 4.01 -3.19 48.80
N ILE B 350 3.23 -2.71 47.83
CA ILE B 350 3.62 -1.54 47.04
C ILE B 350 3.38 -0.27 47.85
N GLU B 351 4.21 0.73 47.60
CA GLU B 351 4.11 1.99 48.34
C GLU B 351 4.79 3.09 47.54
N ALA B 352 4.46 4.33 47.89
CA ALA B 352 5.08 5.50 47.29
C ALA B 352 5.00 6.66 48.27
N GLU B 353 5.90 7.63 48.09
CA GLU B 353 5.88 8.84 48.90
C GLU B 353 5.72 10.10 48.06
N GLU B 354 6.38 10.18 46.91
CA GLU B 354 6.20 11.28 45.97
C GLU B 354 6.44 10.73 44.58
N LEU B 355 5.38 10.70 43.77
CA LEU B 355 5.42 9.95 42.51
C LEU B 355 4.92 10.82 41.37
N PHE B 356 5.57 10.68 40.21
CA PHE B 356 5.13 11.29 38.96
C PHE B 356 5.17 10.25 37.86
N ILE B 357 4.23 10.32 36.94
CA ILE B 357 4.15 9.43 35.79
C ILE B 357 4.22 10.26 34.53
N THR B 358 5.15 9.94 33.64
CA THR B 358 5.37 10.70 32.42
C THR B 358 5.24 9.80 31.19
N SER B 359 4.62 10.34 30.15
CA SER B 359 4.47 9.64 28.89
C SER B 359 5.83 9.51 28.21
N PRO B 360 5.98 8.55 27.29
CA PRO B 360 7.19 8.54 26.46
C PRO B 360 7.41 9.85 25.73
N GLU B 361 6.32 10.53 25.36
CA GLU B 361 6.44 11.83 24.65
C GLU B 361 6.99 12.90 25.61
N GLY B 362 6.90 12.66 26.92
CA GLY B 362 7.41 13.59 27.91
C GLY B 362 6.32 14.28 28.72
N LYS B 363 5.09 14.25 28.25
CA LYS B 363 3.97 14.83 28.99
C LYS B 363 3.74 14.05 30.28
N THR B 364 3.39 14.79 31.34
CA THR B 364 3.08 14.18 32.62
C THR B 364 1.66 13.64 32.63
N LEU B 365 1.46 12.56 33.40
CA LEU B 365 0.17 11.88 33.46
C LEU B 365 -0.47 12.02 34.83
N ALA B 366 0.23 11.63 35.90
CA ALA B 366 -0.29 11.67 37.25
C ALA B 366 0.58 12.60 38.09
N GLY B 367 -0.07 13.53 38.80
CA GLY B 367 0.63 14.46 39.65
C GLY B 367 1.23 13.79 40.86
N PRO B 368 1.61 14.58 41.87
CA PRO B 368 2.20 14.02 43.08
C PRO B 368 1.16 13.22 43.86
N LEU B 369 1.43 11.93 44.02
CA LEU B 369 0.53 11.05 44.76
C LEU B 369 1.34 10.03 45.54
N ASN B 370 0.74 9.52 46.61
CA ASN B 370 1.41 8.53 47.46
C ASN B 370 0.36 7.69 48.15
N PHE B 371 0.64 6.39 48.27
CA PHE B 371 -0.31 5.44 48.82
C PHE B 371 0.45 4.20 49.28
N THR B 372 -0.11 3.53 50.28
CA THR B 372 0.46 2.29 50.80
C THR B 372 -0.67 1.31 51.11
N LEU B 373 -0.52 0.06 50.69
CA LEU B 373 -1.40 -1.02 51.12
C LEU B 373 -0.52 -2.25 51.34
N PRO B 374 -0.65 -2.92 52.49
CA PRO B 374 0.18 -4.10 52.76
C PRO B 374 -0.24 -5.31 51.96
N ALA B 375 0.40 -6.44 52.23
CA ALA B 375 0.13 -7.67 51.48
C ALA B 375 -1.27 -8.20 51.80
N GLY B 376 -1.92 -8.71 50.76
CA GLY B 376 -3.25 -9.29 50.91
C GLY B 376 -4.35 -8.26 50.80
N GLN B 377 -3.99 -6.99 50.86
CA GLN B 377 -4.98 -5.92 50.79
C GLN B 377 -5.43 -5.70 49.35
N ARG B 378 -6.71 -5.39 49.18
CA ARG B 378 -7.34 -5.27 47.86
C ARG B 378 -7.91 -3.87 47.73
N ALA B 379 -7.16 -2.98 47.08
CA ALA B 379 -7.59 -1.61 46.89
C ALA B 379 -8.53 -1.50 45.69
N VAL B 380 -9.01 -0.29 45.44
CA VAL B 380 -9.88 -0.02 44.30
C VAL B 380 -9.82 1.47 44.00
N LEU B 381 -9.75 1.81 42.72
CA LEU B 381 -9.64 3.19 42.26
C LEU B 381 -10.93 3.63 41.58
N VAL B 382 -11.40 4.82 41.95
CA VAL B 382 -12.55 5.44 41.31
C VAL B 382 -12.19 6.89 41.00
N GLY B 383 -12.77 7.41 39.93
CA GLY B 383 -12.51 8.80 39.56
C GLY B 383 -13.26 9.16 38.29
N ARG B 384 -13.17 10.44 37.96
CA ARG B 384 -13.77 10.95 36.73
C ARG B 384 -12.97 10.50 35.51
N SER B 385 -13.62 10.51 34.36
CA SER B 385 -12.93 10.21 33.12
C SER B 385 -11.85 11.24 32.86
N GLY B 386 -10.68 10.77 32.44
CA GLY B 386 -9.54 11.65 32.24
C GLY B 386 -8.75 11.99 33.48
N SER B 387 -9.06 11.34 34.61
CA SER B 387 -8.33 11.62 35.84
C SER B 387 -6.93 11.02 35.84
N GLY B 388 -6.69 10.01 35.00
CA GLY B 388 -5.41 9.34 34.96
C GLY B 388 -5.30 8.11 35.83
N LYS B 389 -6.42 7.54 36.26
CA LYS B 389 -6.37 6.35 37.12
C LYS B 389 -5.86 5.15 36.34
N SER B 390 -6.09 5.06 35.04
CA SER B 390 -5.54 3.86 34.34
C SER B 390 -4.02 4.02 34.19
N SER B 391 -3.54 5.26 34.11
CA SER B 391 -2.08 5.52 33.98
C SER B 391 -1.37 4.83 35.15
N LEU B 392 -1.89 4.99 36.37
CA LEU B 392 -1.28 4.36 37.53
C LEU B 392 -1.23 2.85 37.36
N LEU B 393 -2.32 2.25 36.87
CA LEU B 393 -2.30 0.84 36.51
C LEU B 393 -1.34 0.60 35.35
N ASN B 394 -1.31 1.52 34.39
CA ASN B 394 -0.42 1.41 33.24
C ASN B 394 1.04 1.68 33.59
N ALA B 395 1.31 2.34 34.72
CA ALA B 395 2.68 2.58 35.16
C ALA B 395 3.13 1.61 36.25
N LEU B 396 2.20 0.92 36.90
CA LEU B 396 2.57 -0.13 37.83
C LEU B 396 3.04 -1.39 37.11
N SER B 397 2.72 -1.51 35.82
CA SER B 397 3.16 -2.63 35.00
C SER B 397 4.52 -2.42 34.37
N GLY B 398 5.08 -1.21 34.46
CA GLY B 398 6.34 -0.89 33.83
C GLY B 398 6.23 -0.26 32.46
N PHE B 399 5.01 -0.06 31.96
CA PHE B 399 4.83 0.51 30.64
C PHE B 399 5.09 2.02 30.59
N LEU B 400 4.96 2.71 31.72
CA LEU B 400 5.16 4.15 31.78
C LEU B 400 6.30 4.45 32.75
N SER B 401 7.27 5.22 32.28
CA SER B 401 8.39 5.61 33.13
C SER B 401 7.93 6.61 34.18
N TYR B 402 8.41 6.44 35.40
CA TYR B 402 8.06 7.30 36.51
C TYR B 402 9.32 7.96 37.06
N GLN B 403 9.26 9.26 37.30
CA GLN B 403 10.37 10.03 37.85
C GLN B 403 10.23 10.27 39.34
N GLY B 404 9.27 9.62 40.00
CA GLY B 404 9.08 9.79 41.42
C GLY B 404 9.73 8.67 42.22
N SER B 405 8.95 7.96 43.02
CA SER B 405 9.48 6.86 43.83
C SER B 405 8.35 5.89 44.13
N LEU B 406 8.29 4.81 43.36
CA LEU B 406 7.38 3.70 43.62
C LEU B 406 8.22 2.50 44.07
N ARG B 407 7.76 1.83 45.12
CA ARG B 407 8.54 0.77 45.76
C ARG B 407 7.71 -0.51 45.81
N ILE B 408 8.32 -1.62 45.41
CA ILE B 408 7.67 -2.91 45.41
C ILE B 408 8.27 -3.73 46.55
N ASN B 409 7.51 -3.90 47.62
CA ASN B 409 7.93 -4.71 48.77
C ASN B 409 9.27 -4.23 49.33
N GLY B 410 9.44 -2.91 49.39
CA GLY B 410 10.69 -2.34 49.86
C GLY B 410 11.79 -2.26 48.83
N ILE B 411 11.50 -2.58 47.57
CA ILE B 411 12.47 -2.52 46.48
C ILE B 411 11.98 -1.51 45.46
N GLU B 412 12.86 -0.60 45.06
CA GLU B 412 12.50 0.41 44.08
C GLU B 412 12.13 -0.23 42.75
N LEU B 413 11.04 0.25 42.14
CA LEU B 413 10.58 -0.31 40.89
C LEU B 413 11.47 0.09 39.73
N ARG B 414 12.18 1.23 39.85
CA ARG B 414 13.04 1.69 38.76
C ARG B 414 14.14 0.69 38.44
N ASP B 415 14.78 0.16 39.48
CA ASP B 415 15.87 -0.80 39.30
C ASP B 415 15.38 -2.23 39.20
N LEU B 416 14.09 -2.47 39.39
CA LEU B 416 13.55 -3.82 39.32
C LEU B 416 13.57 -4.34 37.89
N SER B 417 13.95 -5.60 37.73
CA SER B 417 14.06 -6.21 36.42
C SER B 417 12.68 -6.40 35.81
N PRO B 418 12.33 -5.67 34.74
CA PRO B 418 10.98 -5.82 34.18
C PRO B 418 10.68 -7.21 33.67
N GLU B 419 11.68 -7.92 33.14
CA GLU B 419 11.44 -9.26 32.61
C GLU B 419 11.04 -10.25 33.69
N SER B 420 11.55 -10.08 34.92
CA SER B 420 11.19 -10.96 36.02
C SER B 420 10.13 -10.36 36.94
N TRP B 421 9.98 -9.03 36.94
CA TRP B 421 8.92 -8.41 37.72
C TRP B 421 7.54 -8.82 37.21
N ARG B 422 7.39 -8.88 35.89
CA ARG B 422 6.10 -9.20 35.29
C ARG B 422 5.68 -10.64 35.51
N LYS B 423 6.60 -11.52 35.93
CA LYS B 423 6.21 -12.89 36.26
C LYS B 423 5.36 -12.94 37.52
N HIS B 424 5.40 -11.89 38.35
CA HIS B 424 4.54 -11.78 39.53
C HIS B 424 3.38 -10.82 39.30
N LEU B 425 2.93 -10.69 38.06
CA LEU B 425 1.94 -9.69 37.70
C LEU B 425 0.86 -10.33 36.82
N SER B 426 -0.35 -9.80 36.93
CA SER B 426 -1.46 -10.17 36.07
C SER B 426 -2.24 -8.93 35.71
N TRP B 427 -2.68 -8.83 34.46
CA TRP B 427 -3.20 -7.58 33.93
C TRP B 427 -4.44 -7.88 33.10
N VAL B 428 -5.52 -7.15 33.37
CA VAL B 428 -6.79 -7.33 32.67
C VAL B 428 -7.30 -5.94 32.31
N GLY B 429 -7.12 -5.54 31.05
CA GLY B 429 -7.58 -4.26 30.59
C GLY B 429 -9.07 -4.22 30.34
N GLN B 430 -9.58 -3.00 30.16
CA GLN B 430 -11.00 -2.84 29.82
C GLN B 430 -11.29 -3.35 28.42
N ASN B 431 -10.44 -3.04 27.45
CA ASN B 431 -10.56 -3.50 26.08
C ASN B 431 -9.40 -4.43 25.74
N PRO B 432 -9.44 -5.68 26.19
CA PRO B 432 -8.29 -6.57 25.98
C PRO B 432 -8.28 -7.20 24.59
N GLN B 433 -7.09 -7.26 24.01
CA GLN B 433 -6.90 -7.91 22.73
C GLN B 433 -6.52 -9.37 22.93
N LEU B 434 -6.63 -10.15 21.86
CA LEU B 434 -6.42 -11.59 21.90
C LEU B 434 -5.38 -11.94 20.85
N PRO B 435 -4.09 -11.85 21.19
CA PRO B 435 -3.05 -12.01 20.18
C PRO B 435 -2.83 -13.44 19.72
N ALA B 436 -3.23 -14.44 20.49
CA ALA B 436 -2.95 -15.82 20.13
C ALA B 436 -3.79 -16.25 18.92
N ALA B 437 -3.29 -17.26 18.22
CA ALA B 437 -3.96 -17.73 17.00
C ALA B 437 -5.33 -18.33 17.30
N THR B 438 -5.41 -19.12 18.37
CA THR B 438 -6.65 -19.80 18.72
C THR B 438 -6.96 -19.60 20.20
N LEU B 439 -8.20 -19.88 20.57
CA LEU B 439 -8.63 -19.66 21.95
C LEU B 439 -7.86 -20.55 22.92
N ARG B 440 -7.61 -21.81 22.55
CA ARG B 440 -6.87 -22.70 23.43
C ARG B 440 -5.47 -22.19 23.68
N ASP B 441 -4.80 -21.71 22.63
CA ASP B 441 -3.49 -21.11 22.77
C ASP B 441 -3.54 -19.72 23.40
N ASN B 442 -4.74 -19.19 23.64
CA ASN B 442 -4.92 -17.87 24.21
C ASN B 442 -5.04 -17.90 25.73
N VAL B 443 -5.81 -18.84 26.27
CA VAL B 443 -5.87 -19.00 27.72
C VAL B 443 -4.50 -19.42 28.25
N LEU B 444 -3.85 -20.36 27.55
CA LEU B 444 -2.49 -20.77 27.89
C LEU B 444 -1.47 -19.81 27.27
N LEU B 445 -1.56 -18.55 27.69
CA LEU B 445 -0.59 -17.55 27.27
C LEU B 445 0.51 -17.34 28.30
N ALA B 446 0.17 -17.38 29.59
CA ALA B 446 1.19 -17.28 30.63
C ALA B 446 2.05 -18.53 30.69
N ARG B 447 1.42 -19.71 30.66
CA ARG B 447 2.10 -21.00 30.73
C ARG B 447 1.60 -21.89 29.61
N PRO B 448 2.25 -21.86 28.44
CA PRO B 448 1.79 -22.71 27.33
C PRO B 448 1.86 -24.20 27.64
N ASP B 449 2.82 -24.64 28.44
CA ASP B 449 3.01 -26.05 28.74
C ASP B 449 2.07 -26.56 29.83
N ALA B 450 1.02 -25.82 30.15
CA ALA B 450 0.08 -26.24 31.19
C ALA B 450 -0.66 -27.51 30.76
N SER B 451 -0.89 -28.39 31.72
CA SER B 451 -1.59 -29.64 31.45
C SER B 451 -3.05 -29.38 31.10
N GLU B 452 -3.63 -30.29 30.32
CA GLU B 452 -5.02 -30.13 29.90
C GLU B 452 -5.96 -30.10 31.11
N GLN B 453 -5.63 -30.84 32.17
CA GLN B 453 -6.45 -30.78 33.38
C GLN B 453 -6.38 -29.39 34.02
N GLU B 454 -5.20 -28.78 34.05
CA GLU B 454 -5.09 -27.42 34.56
C GLU B 454 -5.85 -26.43 33.69
N LEU B 455 -5.85 -26.66 32.37
CA LEU B 455 -6.60 -25.80 31.47
C LEU B 455 -8.10 -25.87 31.75
N GLN B 456 -8.62 -27.07 32.01
CA GLN B 456 -10.05 -27.21 32.27
C GLN B 456 -10.46 -26.51 33.57
N ALA B 457 -9.57 -26.50 34.57
CA ALA B 457 -9.88 -25.82 35.81
C ALA B 457 -10.03 -24.31 35.59
N ALA B 458 -9.18 -23.73 34.76
CA ALA B 458 -9.26 -22.29 34.49
C ALA B 458 -10.53 -21.94 33.72
N LEU B 459 -10.93 -22.79 32.78
CA LEU B 459 -12.13 -22.50 31.99
C LEU B 459 -13.38 -22.48 32.85
N ASP B 460 -13.53 -23.46 33.74
CA ASP B 460 -14.71 -23.49 34.60
C ASP B 460 -14.72 -22.34 35.59
N ASN B 461 -13.54 -21.94 36.08
CA ASN B 461 -13.46 -20.80 36.99
C ASN B 461 -13.86 -19.50 36.29
N ALA B 462 -13.46 -19.34 35.03
CA ALA B 462 -13.73 -18.12 34.27
C ALA B 462 -15.08 -18.12 33.58
N TRP B 463 -15.86 -19.21 33.72
CA TRP B 463 -17.19 -19.32 33.11
C TRP B 463 -17.14 -19.11 31.60
N VAL B 464 -16.06 -19.60 30.97
CA VAL B 464 -15.96 -19.59 29.52
C VAL B 464 -16.44 -20.89 28.90
N SER B 465 -16.41 -21.99 29.67
CA SER B 465 -16.88 -23.28 29.14
C SER B 465 -18.39 -23.28 28.90
N GLU B 466 -19.12 -22.37 29.53
CA GLU B 466 -20.58 -22.38 29.40
C GLU B 466 -21.02 -22.08 27.97
N PHE B 467 -20.32 -21.18 27.28
CA PHE B 467 -20.62 -20.87 25.89
C PHE B 467 -19.73 -21.60 24.91
N LEU B 468 -18.88 -22.50 25.39
CA LEU B 468 -18.02 -23.28 24.49
C LEU B 468 -18.80 -24.04 23.43
N PRO B 469 -19.91 -24.72 23.74
CA PRO B 469 -20.65 -25.42 22.65
C PRO B 469 -21.14 -24.49 21.55
N LEU B 470 -21.38 -23.22 21.85
CA LEU B 470 -21.88 -22.30 20.83
C LEU B 470 -20.89 -22.12 19.70
N LEU B 471 -19.60 -22.06 20.01
CA LEU B 471 -18.59 -21.94 18.97
C LEU B 471 -18.45 -23.26 18.22
N PRO B 472 -18.09 -23.21 16.93
CA PRO B 472 -18.11 -24.44 16.11
C PRO B 472 -17.11 -25.50 16.54
N GLN B 473 -15.83 -25.13 16.67
CA GLN B 473 -14.78 -26.09 16.97
C GLN B 473 -14.48 -26.20 18.46
N GLY B 474 -15.39 -25.75 19.31
CA GLY B 474 -15.20 -25.87 20.74
C GLY B 474 -14.18 -24.91 21.31
N VAL B 475 -13.08 -25.43 21.85
CA VAL B 475 -12.07 -24.60 22.48
C VAL B 475 -10.95 -24.22 21.52
N ASP B 476 -10.80 -24.93 20.40
CA ASP B 476 -9.75 -24.67 19.43
C ASP B 476 -10.20 -23.74 18.30
N THR B 477 -11.31 -23.03 18.49
CA THR B 477 -11.81 -22.13 17.46
C THR B 477 -10.84 -20.97 17.27
N PRO B 478 -10.38 -20.69 16.05
CA PRO B 478 -9.55 -19.51 15.83
C PRO B 478 -10.31 -18.25 16.22
N VAL B 479 -9.60 -17.30 16.83
CA VAL B 479 -10.20 -16.10 17.39
C VAL B 479 -9.51 -14.89 16.79
N GLY B 480 -10.31 -13.88 16.43
CA GLY B 480 -9.76 -12.66 15.88
C GLY B 480 -10.88 -11.71 15.50
N ASP B 481 -10.57 -10.83 14.55
CA ASP B 481 -11.54 -9.88 14.02
C ASP B 481 -11.96 -10.23 12.60
N GLN B 482 -11.63 -11.44 12.14
CA GLN B 482 -12.01 -11.88 10.79
C GLN B 482 -12.55 -13.30 10.74
N ALA B 483 -12.38 -14.11 11.78
CA ALA B 483 -12.83 -15.50 11.78
C ALA B 483 -13.43 -15.85 13.13
N ALA B 484 -14.74 -16.09 13.14
CA ALA B 484 -15.47 -16.55 14.32
C ALA B 484 -15.16 -15.69 15.55
N ARG B 485 -15.48 -14.41 15.40
CA ARG B 485 -15.21 -13.45 16.47
C ARG B 485 -16.10 -13.72 17.67
N LEU B 486 -15.53 -13.54 18.86
CA LEU B 486 -16.26 -13.62 20.12
C LEU B 486 -16.83 -12.24 20.44
N SER B 487 -17.98 -12.23 21.11
CA SER B 487 -18.52 -10.96 21.58
C SER B 487 -17.66 -10.41 22.72
N VAL B 488 -17.82 -9.12 22.99
CA VAL B 488 -17.06 -8.51 24.08
C VAL B 488 -17.44 -9.13 25.42
N GLY B 489 -18.64 -9.71 25.50
CA GLY B 489 -19.00 -10.47 26.68
C GLY B 489 -18.19 -11.74 26.83
N GLN B 490 -17.89 -12.41 25.72
CA GLN B 490 -17.13 -13.64 25.75
C GLN B 490 -15.62 -13.37 25.72
N ALA B 491 -15.19 -12.42 24.88
CA ALA B 491 -13.77 -12.11 24.78
C ALA B 491 -13.20 -11.62 26.11
N GLN B 492 -14.04 -11.00 26.94
CA GLN B 492 -13.60 -10.62 28.27
C GLN B 492 -13.52 -11.80 29.22
N ARG B 493 -14.31 -12.84 29.00
CA ARG B 493 -14.27 -14.02 29.86
C ARG B 493 -13.10 -14.93 29.56
N VAL B 494 -12.39 -14.72 28.45
CA VAL B 494 -11.17 -15.47 28.19
C VAL B 494 -9.92 -14.69 28.60
N ALA B 495 -10.00 -13.35 28.68
CA ALA B 495 -8.92 -12.58 29.29
C ALA B 495 -8.89 -12.82 30.80
N VAL B 496 -10.05 -13.05 31.42
CA VAL B 496 -10.09 -13.42 32.82
C VAL B 496 -9.44 -14.78 33.03
N ALA B 497 -9.66 -15.71 32.09
CA ALA B 497 -9.02 -17.03 32.19
C ALA B 497 -7.50 -16.90 32.13
N ARG B 498 -6.99 -15.94 31.35
CA ARG B 498 -5.56 -15.72 31.29
C ARG B 498 -4.99 -15.33 32.65
N ALA B 499 -5.64 -14.37 33.32
CA ALA B 499 -5.07 -13.82 34.54
C ALA B 499 -5.07 -14.83 35.68
N LEU B 500 -6.07 -15.70 35.74
CA LEU B 500 -6.22 -16.60 36.87
C LEU B 500 -5.56 -17.96 36.65
N LEU B 501 -5.06 -18.24 35.45
CA LEU B 501 -4.45 -19.53 35.18
C LEU B 501 -3.16 -19.71 35.98
N ASN B 502 -2.27 -18.72 35.92
CA ASN B 502 -0.98 -18.80 36.58
C ASN B 502 -1.01 -17.91 37.82
N PRO B 503 -0.81 -18.45 39.02
CA PRO B 503 -0.87 -17.63 40.23
C PRO B 503 0.15 -16.51 40.20
N CYS B 504 -0.23 -15.37 40.75
CA CYS B 504 0.62 -14.18 40.73
C CYS B 504 0.69 -13.53 42.10
N SER B 505 1.30 -12.34 42.16
CA SER B 505 1.45 -11.58 43.39
C SER B 505 0.60 -10.31 43.40
N LEU B 506 0.67 -9.51 42.34
CA LEU B 506 -0.14 -8.32 42.20
C LEU B 506 -1.04 -8.48 40.98
N LEU B 507 -2.34 -8.24 41.17
CA LEU B 507 -3.32 -8.35 40.11
C LEU B 507 -3.83 -6.96 39.77
N LEU B 508 -3.72 -6.57 38.51
CA LEU B 508 -4.09 -5.24 38.06
C LEU B 508 -5.33 -5.35 37.15
N LEU B 509 -6.50 -5.33 37.76
CA LEU B 509 -7.74 -5.27 37.00
C LEU B 509 -8.00 -3.86 36.53
N ASP B 510 -8.24 -3.69 35.24
CA ASP B 510 -8.46 -2.37 34.64
C ASP B 510 -9.86 -2.38 34.03
N GLU B 511 -10.86 -2.06 34.85
CA GLU B 511 -12.25 -2.01 34.44
C GLU B 511 -12.67 -3.29 33.69
N PRO B 512 -12.66 -4.44 34.36
CA PRO B 512 -13.01 -5.69 33.65
C PRO B 512 -14.45 -5.71 33.17
N ALA B 513 -15.35 -4.97 33.80
CA ALA B 513 -16.76 -4.94 33.45
C ALA B 513 -17.20 -3.56 32.96
N ALA B 514 -16.38 -2.94 32.12
CA ALA B 514 -16.74 -1.62 31.57
C ALA B 514 -17.66 -1.75 30.37
N SER B 515 -17.22 -2.47 29.34
CA SER B 515 -18.02 -2.77 28.16
C SER B 515 -18.29 -4.27 28.16
N LEU B 516 -19.34 -4.68 28.88
CA LEU B 516 -19.59 -6.09 29.11
C LEU B 516 -21.08 -6.29 29.32
N ASP B 517 -21.62 -7.37 28.76
CA ASP B 517 -23.07 -7.58 28.84
C ASP B 517 -23.47 -7.93 30.26
N ALA B 518 -24.79 -7.85 30.52
CA ALA B 518 -25.29 -8.05 31.88
C ALA B 518 -25.03 -9.46 32.39
N HIS B 519 -25.23 -10.47 31.55
CA HIS B 519 -25.00 -11.85 31.99
C HIS B 519 -23.52 -12.12 32.23
N SER B 520 -22.67 -11.70 31.28
CA SER B 520 -21.24 -11.91 31.46
C SER B 520 -20.69 -11.09 32.61
N GLU B 521 -21.30 -9.95 32.92
CA GLU B 521 -20.81 -9.11 34.01
C GLU B 521 -20.87 -9.85 35.33
N GLN B 522 -22.00 -10.50 35.63
CA GLN B 522 -22.11 -11.24 36.88
C GLN B 522 -21.26 -12.49 36.90
N ARG B 523 -20.93 -13.05 35.73
CA ARG B 523 -20.03 -14.19 35.68
C ARG B 523 -18.59 -13.76 35.94
N VAL B 524 -18.17 -12.65 35.32
CA VAL B 524 -16.81 -12.15 35.53
C VAL B 524 -16.64 -11.65 36.96
N MET B 525 -17.61 -10.88 37.45
CA MET B 525 -17.50 -10.33 38.80
C MET B 525 -17.43 -11.42 39.85
N GLU B 526 -18.24 -12.47 39.70
CA GLU B 526 -18.17 -13.59 40.63
C GLU B 526 -16.80 -14.24 40.59
N ALA B 527 -16.21 -14.36 39.39
CA ALA B 527 -14.90 -14.95 39.26
C ALA B 527 -13.80 -14.02 39.76
N LEU B 528 -13.89 -12.72 39.43
CA LEU B 528 -12.82 -11.80 39.78
C LEU B 528 -12.93 -11.24 41.19
N ASN B 529 -14.08 -11.41 41.86
CA ASN B 529 -14.16 -11.06 43.27
C ASN B 529 -13.63 -12.17 44.16
N ALA B 530 -13.83 -13.43 43.76
CA ALA B 530 -13.24 -14.55 44.49
C ALA B 530 -11.77 -14.75 44.15
N ALA B 531 -11.28 -14.12 43.08
CA ALA B 531 -9.88 -14.23 42.68
C ALA B 531 -9.10 -12.95 42.93
N SER B 532 -9.61 -12.07 43.78
CA SER B 532 -8.91 -10.87 44.17
C SER B 532 -8.52 -10.83 45.63
N LEU B 533 -9.10 -11.70 46.47
CA LEU B 533 -8.82 -11.67 47.90
C LEU B 533 -7.56 -12.43 48.26
N ARG B 534 -7.05 -13.30 47.39
CA ARG B 534 -5.90 -14.10 47.78
C ARG B 534 -4.57 -13.42 47.49
N GLN B 535 -4.56 -12.21 46.93
CA GLN B 535 -3.34 -11.44 46.80
C GLN B 535 -3.69 -9.96 46.68
N THR B 536 -2.66 -9.12 46.73
CA THR B 536 -2.86 -7.69 46.51
C THR B 536 -3.42 -7.45 45.11
N THR B 537 -4.46 -6.64 45.03
CA THR B 537 -5.11 -6.32 43.76
C THR B 537 -5.35 -4.82 43.69
N LEU B 538 -5.53 -4.33 42.46
CA LEU B 538 -5.75 -2.91 42.23
C LEU B 538 -6.82 -2.77 41.15
N MET B 539 -8.07 -2.62 41.58
CA MET B 539 -9.18 -2.43 40.68
C MET B 539 -9.39 -0.94 40.39
N VAL B 540 -9.82 -0.65 39.17
CA VAL B 540 -10.04 0.74 38.78
C VAL B 540 -11.44 0.86 38.17
N THR B 541 -12.35 0.00 38.60
CA THR B 541 -13.70 0.03 38.07
C THR B 541 -14.41 1.34 38.46
N HIS B 542 -15.31 1.79 37.58
CA HIS B 542 -16.02 3.04 37.80
C HIS B 542 -17.32 2.88 38.54
N GLN B 543 -18.06 1.80 38.32
CA GLN B 543 -19.23 1.50 39.15
C GLN B 543 -18.76 1.11 40.55
N LEU B 544 -19.40 1.69 41.57
CA LEU B 544 -18.89 1.59 42.94
C LEU B 544 -19.94 1.09 43.92
N GLU B 545 -21.04 0.52 43.42
CA GLU B 545 -22.08 0.04 44.33
C GLU B 545 -21.58 -1.10 45.21
N ASP B 546 -20.82 -2.03 44.65
CA ASP B 546 -20.30 -3.17 45.40
C ASP B 546 -18.84 -2.95 45.78
N LEU B 547 -18.64 -2.09 46.77
CA LEU B 547 -17.32 -1.85 47.35
C LEU B 547 -17.30 -2.09 48.86
N ALA B 548 -18.24 -2.89 49.36
CA ALA B 548 -18.34 -3.11 50.81
C ALA B 548 -17.10 -3.82 51.35
N ASP B 549 -16.62 -4.83 50.64
CA ASP B 549 -15.51 -5.64 51.12
C ASP B 549 -14.14 -5.13 50.68
N TRP B 550 -14.09 -4.18 49.74
CA TRP B 550 -12.82 -3.60 49.33
C TRP B 550 -12.29 -2.74 50.47
N ASP B 551 -11.18 -3.17 51.08
CA ASP B 551 -10.77 -2.60 52.36
C ASP B 551 -10.42 -1.11 52.24
N VAL B 552 -9.69 -0.73 51.20
CA VAL B 552 -9.27 0.65 51.01
C VAL B 552 -9.73 1.14 49.64
N ILE B 553 -10.20 2.37 49.58
CA ILE B 553 -10.71 2.97 48.35
C ILE B 553 -9.94 4.27 48.11
N TRP B 554 -9.31 4.38 46.95
CA TRP B 554 -8.61 5.59 46.56
C TRP B 554 -9.39 6.28 45.46
N VAL B 555 -9.70 7.55 45.64
CA VAL B 555 -10.39 8.37 44.64
C VAL B 555 -9.45 9.48 44.19
N MET B 556 -9.30 9.63 42.88
CA MET B 556 -8.42 10.62 42.29
C MET B 556 -9.16 11.35 41.17
N GLN B 557 -8.94 12.66 41.08
CA GLN B 557 -9.71 13.50 40.17
C GLN B 557 -8.86 14.20 39.12
N ASP B 558 -7.64 14.64 39.45
CA ASP B 558 -6.80 15.36 38.49
C ASP B 558 -5.36 14.87 38.58
N GLY B 559 -5.17 13.56 38.64
CA GLY B 559 -3.83 13.00 38.74
C GLY B 559 -3.31 12.84 40.14
N ARG B 560 -4.17 12.90 41.15
CA ARG B 560 -3.74 12.79 42.54
C ARG B 560 -4.90 12.28 43.37
N ILE B 561 -4.62 11.35 44.27
CA ILE B 561 -5.66 10.85 45.17
C ILE B 561 -5.95 11.90 46.22
N ILE B 562 -7.23 12.19 46.43
CA ILE B 562 -7.63 13.25 47.36
C ILE B 562 -7.96 12.68 48.73
N GLU B 563 -8.63 11.54 48.80
CA GLU B 563 -8.97 10.91 50.07
C GLU B 563 -8.99 9.40 49.90
N GLN B 564 -8.42 8.70 50.87
CA GLN B 564 -8.37 7.24 50.85
C GLN B 564 -8.97 6.71 52.15
N GLY B 565 -9.82 5.69 52.03
CA GLY B 565 -10.45 5.11 53.19
C GLY B 565 -11.47 4.06 52.77
N ARG B 566 -11.95 3.33 53.77
CA ARG B 566 -12.92 2.28 53.52
C ARG B 566 -14.27 2.90 53.12
N TYR B 567 -15.13 2.06 52.53
CA TYR B 567 -16.44 2.52 52.07
C TYR B 567 -17.25 3.16 53.19
N ALA B 568 -17.06 2.70 54.43
CA ALA B 568 -17.75 3.28 55.58
C ALA B 568 -17.06 4.55 56.05
#